data_8RFA
#
_entry.id   8RFA
#
_cell.length_a   46.660
_cell.length_b   134.870
_cell.length_c   144.300
_cell.angle_alpha   90.00
_cell.angle_beta   90.00
_cell.angle_gamma   90.00
#
_symmetry.space_group_name_H-M   'P 21 21 21'
#
loop_
_entity.id
_entity.type
_entity.pdbx_description
1 polymer 'Arginase-2, mitochondrial'
2 non-polymer 'MANGANESE (II) ION'
3 non-polymer [(4~{R},5~{S})-4-(aminomethyl)-5-azanyl-6-oxidanyl-6-oxidanylidene-hexyl]-tris(oxidanyl)boron
4 water water
#
_entity_poly.entity_id   1
_entity_poly.type   'polypeptide(L)'
_entity_poly.pdbx_seq_one_letter_code
;MHHHHHHGGGENLYFQSVHSVAVIGAPFSQGQKRKGVEHGPAAIREAGLMKRLSSLGCHLKDFGDLSFTPVPKDDLYNNL
IVNPRSVGLANQELAEVVSRAVSDGYSCVTLGGDHSLAIGTISGHARHCPDLCVVWVDAHADINTPLTTSSGNLHGQPVS
FLLRELQDKVPQLPGFSWIKPCISSASIVYIGLRDVDPPEHFILKNYDIQYFSMRDIDRLGIQKVMERTFDLLIGKRQRP
IHLSFDIDAFDPTLAPATGTPVVGGLTYREGMYIAEEIHNTGLLSALDLVEVNPQLATSEEEAKTTANLAVDVIASSFGQ
TREGGHIVYDQLPTPS
;
_entity_poly.pdbx_strand_id   A,B,C
#
# COMPACT_ATOMS: atom_id res chain seq x y z
N VAL A 18 -12.03 12.48 -28.61
CA VAL A 18 -13.25 13.25 -28.35
C VAL A 18 -14.44 12.30 -28.06
N HIS A 19 -15.18 12.57 -26.98
CA HIS A 19 -16.34 11.78 -26.57
C HIS A 19 -17.53 12.69 -26.28
N SER A 20 -18.75 12.17 -26.50
CA SER A 20 -20.00 12.84 -26.18
C SER A 20 -20.39 12.21 -24.85
N VAL A 21 -20.45 13.03 -23.80
CA VAL A 21 -20.67 12.57 -22.44
C VAL A 21 -21.84 13.30 -21.82
N ALA A 22 -22.79 12.53 -21.29
CA ALA A 22 -23.94 13.07 -20.56
C ALA A 22 -23.73 12.90 -19.07
N VAL A 23 -24.13 13.91 -18.30
CA VAL A 23 -23.99 13.85 -16.85
C VAL A 23 -25.38 13.92 -16.23
N ILE A 24 -25.68 12.96 -15.34
CA ILE A 24 -26.95 12.90 -14.61
C ILE A 24 -26.62 12.84 -13.12
N GLY A 25 -27.22 13.75 -12.35
CA GLY A 25 -27.11 13.72 -10.90
C GLY A 25 -28.28 12.93 -10.34
N ALA A 26 -27.99 11.92 -9.50
CA ALA A 26 -29.03 11.10 -8.86
C ALA A 26 -28.91 11.18 -7.32
N PRO A 27 -29.37 12.31 -6.73
CA PRO A 27 -29.31 12.48 -5.27
C PRO A 27 -30.33 11.58 -4.56
N PHE A 28 -29.95 10.32 -4.37
CA PHE A 28 -30.83 9.32 -3.77
C PHE A 28 -30.12 8.53 -2.68
N SER A 29 -30.79 8.35 -1.53
CA SER A 29 -30.23 7.69 -0.37
C SER A 29 -31.08 6.56 0.20
N GLN A 30 -32.26 6.30 -0.37
CA GLN A 30 -33.18 5.30 0.21
C GLN A 30 -32.75 3.83 0.03
N GLY A 31 -31.63 3.58 -0.66
CA GLY A 31 -31.10 2.22 -0.79
C GLY A 31 -30.28 1.79 0.42
N GLN A 32 -30.07 2.71 1.35
CA GLN A 32 -29.27 2.47 2.56
C GLN A 32 -29.76 3.36 3.72
N LYS A 33 -29.18 3.19 4.91
CA LYS A 33 -29.64 3.89 6.12
C LYS A 33 -28.79 5.13 6.51
N ARG A 34 -27.51 5.24 6.06
CA ARG A 34 -26.64 6.37 6.43
C ARG A 34 -27.03 7.66 5.70
N LYS A 35 -27.27 8.73 6.46
CA LYS A 35 -27.69 10.01 5.90
C LYS A 35 -26.53 10.77 5.25
N GLY A 36 -26.82 11.36 4.09
CA GLY A 36 -25.87 12.21 3.40
C GLY A 36 -25.43 11.85 2.00
N VAL A 37 -25.57 10.58 1.60
CA VAL A 37 -25.12 10.11 0.27
C VAL A 37 -25.85 10.86 -0.88
N GLU A 38 -27.05 11.44 -0.60
CA GLU A 38 -27.81 12.23 -1.58
C GLU A 38 -27.02 13.50 -1.99
N HIS A 39 -26.02 13.89 -1.19
CA HIS A 39 -25.17 15.07 -1.44
C HIS A 39 -23.93 14.76 -2.27
N GLY A 40 -23.75 13.48 -2.63
CA GLY A 40 -22.66 13.02 -3.48
C GLY A 40 -22.60 13.71 -4.84
N PRO A 41 -23.73 13.86 -5.60
CA PRO A 41 -23.65 14.57 -6.89
C PRO A 41 -23.19 16.03 -6.77
N ALA A 42 -23.69 16.76 -5.74
CA ALA A 42 -23.29 18.14 -5.50
C ALA A 42 -21.80 18.21 -5.16
N ALA A 43 -21.32 17.29 -4.27
CA ALA A 43 -19.92 17.21 -3.86
C ALA A 43 -18.98 16.93 -5.05
N ILE A 44 -19.38 16.03 -5.98
CA ILE A 44 -18.59 15.70 -7.17
C ILE A 44 -18.55 16.88 -8.15
N ARG A 45 -19.70 17.52 -8.36
CA ARG A 45 -19.82 18.69 -9.25
C ARG A 45 -18.96 19.83 -8.72
N GLU A 46 -19.02 20.09 -7.40
CA GLU A 46 -18.24 21.15 -6.72
C GLU A 46 -16.73 20.90 -6.82
N ALA A 47 -16.31 19.62 -6.93
CA ALA A 47 -14.91 19.24 -7.12
C ALA A 47 -14.38 19.55 -8.54
N GLY A 48 -15.23 20.11 -9.41
CA GLY A 48 -14.87 20.55 -10.75
C GLY A 48 -14.99 19.53 -11.86
N LEU A 49 -15.96 18.60 -11.73
CA LEU A 49 -16.20 17.54 -12.72
C LEU A 49 -16.39 18.06 -14.16
N MET A 50 -17.36 18.97 -14.37
CA MET A 50 -17.68 19.45 -15.72
C MET A 50 -16.52 20.17 -16.40
N LYS A 51 -15.77 21.01 -15.64
CA LYS A 51 -14.57 21.72 -16.09
C LYS A 51 -13.46 20.72 -16.48
N ARG A 52 -13.32 19.60 -15.72
CA ARG A 52 -12.31 18.59 -16.01
C ARG A 52 -12.64 17.84 -17.30
N LEU A 53 -13.93 17.47 -17.49
CA LEU A 53 -14.36 16.76 -18.70
C LEU A 53 -14.23 17.70 -19.93
N SER A 54 -14.56 18.99 -19.74
CA SER A 54 -14.42 20.03 -20.79
C SER A 54 -12.96 20.07 -21.26
N SER A 55 -11.99 20.14 -20.30
CA SER A 55 -10.55 20.19 -20.57
C SER A 55 -10.01 18.93 -21.31
N LEU A 56 -10.77 17.82 -21.28
CA LEU A 56 -10.40 16.60 -21.99
C LEU A 56 -10.97 16.57 -23.41
N GLY A 57 -11.74 17.61 -23.77
CA GLY A 57 -12.36 17.73 -25.09
C GLY A 57 -13.70 17.02 -25.22
N CYS A 58 -14.37 16.73 -24.08
CA CYS A 58 -15.68 16.08 -24.07
C CYS A 58 -16.79 17.04 -24.52
N HIS A 59 -17.62 16.60 -25.48
CA HIS A 59 -18.83 17.30 -25.93
C HIS A 59 -19.85 16.93 -24.84
N LEU A 60 -20.17 17.88 -23.96
CA LEU A 60 -21.00 17.63 -22.79
C LEU A 60 -22.46 18.04 -22.85
N LYS A 61 -23.34 17.22 -22.23
CA LYS A 61 -24.74 17.49 -22.01
C LYS A 61 -25.03 17.22 -20.54
N ASP A 62 -25.40 18.27 -19.81
CA ASP A 62 -25.70 18.17 -18.38
C ASP A 62 -27.21 18.08 -18.19
N PHE A 63 -27.69 16.91 -17.71
CA PHE A 63 -29.11 16.64 -17.48
C PHE A 63 -29.54 17.15 -16.10
N GLY A 64 -28.61 17.77 -15.37
CA GLY A 64 -28.86 18.30 -14.04
C GLY A 64 -29.02 17.23 -12.97
N ASP A 65 -29.50 17.65 -11.78
CA ASP A 65 -29.72 16.76 -10.64
C ASP A 65 -31.20 16.45 -10.48
N LEU A 66 -31.59 15.21 -10.84
CA LEU A 66 -32.97 14.71 -10.80
C LEU A 66 -33.61 14.84 -9.44
N SER A 67 -34.88 15.25 -9.43
CA SER A 67 -35.64 15.36 -8.20
C SER A 67 -36.53 14.13 -8.22
N PHE A 68 -36.28 13.22 -7.30
CA PHE A 68 -37.01 11.96 -7.29
C PHE A 68 -38.33 12.10 -6.57
N THR A 69 -39.43 11.63 -7.23
CA THR A 69 -40.79 11.64 -6.68
C THR A 69 -40.75 10.85 -5.37
N PRO A 70 -40.99 11.50 -4.21
CA PRO A 70 -40.95 10.76 -2.95
C PRO A 70 -42.17 9.87 -2.77
N VAL A 71 -42.01 8.80 -1.96
CA VAL A 71 -43.11 7.88 -1.64
C VAL A 71 -43.34 8.03 -0.13
N PRO A 72 -44.26 8.95 0.27
CA PRO A 72 -44.50 9.20 1.72
C PRO A 72 -44.79 7.97 2.56
N LYS A 73 -45.66 7.05 2.08
CA LYS A 73 -45.99 5.83 2.80
C LYS A 73 -45.22 4.66 2.16
N ASP A 74 -44.05 4.36 2.73
CA ASP A 74 -43.18 3.30 2.22
C ASP A 74 -42.43 2.66 3.39
N ASP A 75 -43.16 1.88 4.20
CA ASP A 75 -42.41 1.32 5.31
C ASP A 75 -41.99 -0.13 5.08
N LEU A 76 -41.20 -0.63 6.06
CA LEU A 76 -40.60 -1.95 6.15
C LEU A 76 -41.50 -3.03 5.58
N TYR A 77 -40.95 -3.79 4.63
CA TYR A 77 -41.73 -4.82 3.95
C TYR A 77 -41.28 -6.20 4.39
N ASN A 78 -42.23 -7.05 4.80
CA ASN A 78 -41.97 -8.40 5.33
C ASN A 78 -40.89 -8.41 6.43
N ASN A 79 -40.94 -7.37 7.30
CA ASN A 79 -40.07 -7.16 8.44
C ASN A 79 -38.58 -7.15 8.05
N LEU A 80 -38.27 -6.72 6.81
CA LEU A 80 -36.90 -6.78 6.31
C LEU A 80 -36.56 -5.72 5.24
N ILE A 81 -37.28 -5.71 4.12
CA ILE A 81 -36.94 -4.80 3.01
C ILE A 81 -37.26 -3.34 3.36
N VAL A 82 -36.24 -2.46 3.28
CA VAL A 82 -36.30 -1.03 3.61
C VAL A 82 -36.58 -0.17 2.38
N ASN A 83 -37.61 0.68 2.47
CA ASN A 83 -38.01 1.61 1.39
C ASN A 83 -38.16 0.98 -0.01
N PRO A 84 -38.84 -0.18 -0.23
CA PRO A 84 -38.90 -0.74 -1.60
C PRO A 84 -39.60 0.15 -2.64
N ARG A 85 -40.75 0.75 -2.28
CA ARG A 85 -41.48 1.61 -3.23
C ARG A 85 -40.68 2.84 -3.67
N SER A 86 -39.92 3.48 -2.77
CA SER A 86 -39.10 4.64 -3.06
C SER A 86 -37.94 4.25 -3.99
N VAL A 87 -37.27 3.13 -3.68
CA VAL A 87 -36.14 2.64 -4.49
C VAL A 87 -36.60 2.22 -5.89
N GLY A 88 -37.70 1.49 -5.97
CA GLY A 88 -38.23 1.05 -7.24
C GLY A 88 -38.63 2.20 -8.14
N LEU A 89 -39.28 3.23 -7.55
CA LEU A 89 -39.77 4.38 -8.31
C LEU A 89 -38.64 5.30 -8.77
N ALA A 90 -37.69 5.61 -7.88
CA ALA A 90 -36.52 6.43 -8.20
C ALA A 90 -35.73 5.77 -9.33
N ASN A 91 -35.57 4.42 -9.28
CA ASN A 91 -34.89 3.71 -10.37
C ASN A 91 -35.66 3.71 -11.66
N GLN A 92 -37.02 3.62 -11.61
CA GLN A 92 -37.84 3.65 -12.82
C GLN A 92 -37.65 4.99 -13.54
N GLU A 93 -37.67 6.08 -12.77
CA GLU A 93 -37.47 7.45 -13.26
C GLU A 93 -36.05 7.64 -13.81
N LEU A 94 -35.03 7.15 -13.07
CA LEU A 94 -33.64 7.22 -13.51
C LEU A 94 -33.42 6.46 -14.83
N ALA A 95 -34.01 5.26 -14.98
CA ALA A 95 -33.86 4.45 -16.21
C ALA A 95 -34.30 5.22 -17.46
N GLU A 96 -35.37 6.03 -17.35
CA GLU A 96 -35.88 6.81 -18.49
C GLU A 96 -34.88 7.88 -18.95
N VAL A 97 -34.24 8.58 -18.01
CA VAL A 97 -33.22 9.61 -18.28
C VAL A 97 -31.97 8.96 -18.92
N VAL A 98 -31.55 7.81 -18.39
CA VAL A 98 -30.37 7.09 -18.92
C VAL A 98 -30.66 6.63 -20.33
N SER A 99 -31.86 6.06 -20.55
CA SER A 99 -32.31 5.58 -21.85
C SER A 99 -32.26 6.74 -22.87
N ARG A 100 -32.73 7.94 -22.48
CA ARG A 100 -32.71 9.17 -23.29
C ARG A 100 -31.28 9.53 -23.71
N ALA A 101 -30.36 9.57 -22.71
CA ALA A 101 -28.94 9.91 -22.90
C ALA A 101 -28.24 8.93 -23.85
N VAL A 102 -28.45 7.59 -23.66
CA VAL A 102 -27.83 6.57 -24.51
C VAL A 102 -28.37 6.62 -25.95
N SER A 103 -29.72 6.66 -26.11
CA SER A 103 -30.35 6.74 -27.44
C SER A 103 -29.99 8.03 -28.18
N ASP A 104 -29.71 9.14 -27.44
CA ASP A 104 -29.22 10.40 -28.01
C ASP A 104 -27.77 10.25 -28.53
N GLY A 105 -27.03 9.26 -28.03
CA GLY A 105 -25.65 8.96 -28.45
C GLY A 105 -24.54 9.33 -27.49
N TYR A 106 -24.88 9.68 -26.24
CA TYR A 106 -23.88 10.05 -25.24
C TYR A 106 -23.46 8.85 -24.39
N SER A 107 -22.22 8.92 -23.85
CA SER A 107 -21.70 7.97 -22.85
C SER A 107 -22.30 8.55 -21.55
N CYS A 108 -23.12 7.75 -20.85
CA CYS A 108 -23.89 8.24 -19.71
C CYS A 108 -23.21 8.13 -18.32
N VAL A 109 -22.84 9.29 -17.74
CA VAL A 109 -22.26 9.39 -16.40
C VAL A 109 -23.37 9.68 -15.40
N THR A 110 -23.61 8.76 -14.45
CA THR A 110 -24.59 9.00 -13.39
C THR A 110 -23.84 9.16 -12.09
N LEU A 111 -24.16 10.23 -11.35
CA LEU A 111 -23.54 10.53 -10.07
C LEU A 111 -24.49 10.15 -8.97
N GLY A 112 -24.04 9.30 -8.05
CA GLY A 112 -24.84 8.88 -6.92
C GLY A 112 -24.50 9.69 -5.67
N GLY A 113 -25.22 9.46 -4.57
CA GLY A 113 -26.33 8.53 -4.49
C GLY A 113 -25.86 7.12 -4.16
N ASP A 114 -26.73 6.28 -3.61
CA ASP A 114 -26.29 4.94 -3.23
C ASP A 114 -26.29 3.95 -4.41
N HIS A 115 -25.68 2.77 -4.21
CA HIS A 115 -25.53 1.78 -5.30
C HIS A 115 -26.85 1.12 -5.75
N SER A 116 -27.99 1.36 -5.06
CA SER A 116 -29.27 0.82 -5.58
C SER A 116 -29.62 1.48 -6.95
N LEU A 117 -28.99 2.60 -7.27
CA LEU A 117 -29.19 3.34 -8.50
C LEU A 117 -28.70 2.61 -9.74
N ALA A 118 -27.85 1.56 -9.57
CA ALA A 118 -27.42 0.76 -10.72
C ALA A 118 -28.63 -0.02 -11.30
N ILE A 119 -29.72 -0.25 -10.51
CA ILE A 119 -30.93 -0.89 -11.05
C ILE A 119 -31.41 0.00 -12.23
N GLY A 120 -31.55 1.29 -11.98
CA GLY A 120 -31.99 2.22 -13.01
C GLY A 120 -31.02 2.44 -14.14
N THR A 121 -29.73 2.65 -13.83
CA THR A 121 -28.76 2.94 -14.89
C THR A 121 -28.54 1.76 -15.79
N ILE A 122 -28.39 0.56 -15.21
CA ILE A 122 -28.18 -0.61 -16.06
C ILE A 122 -29.47 -0.95 -16.88
N SER A 123 -30.65 -0.86 -16.25
CA SER A 123 -31.94 -1.12 -16.94
C SER A 123 -32.10 -0.14 -18.13
N GLY A 124 -31.86 1.14 -17.90
CA GLY A 124 -31.95 2.18 -18.93
C GLY A 124 -30.97 1.97 -20.06
N HIS A 125 -29.75 1.55 -19.73
CA HIS A 125 -28.69 1.28 -20.69
C HIS A 125 -29.01 0.05 -21.56
N ALA A 126 -29.49 -1.06 -20.94
CA ALA A 126 -29.81 -2.28 -21.68
C ALA A 126 -31.01 -2.10 -22.65
N ARG A 127 -31.81 -1.03 -22.46
CA ARG A 127 -32.90 -0.70 -23.38
C ARG A 127 -32.38 -0.36 -24.76
N HIS A 128 -31.06 -0.11 -24.91
CA HIS A 128 -30.44 0.25 -26.19
C HIS A 128 -29.27 -0.62 -26.57
N CYS A 129 -28.73 -1.36 -25.60
CA CYS A 129 -27.55 -2.19 -25.78
C CYS A 129 -27.86 -3.64 -25.45
N PRO A 130 -28.30 -4.46 -26.42
CA PRO A 130 -28.63 -5.86 -26.12
C PRO A 130 -27.42 -6.70 -25.70
N ASP A 131 -26.22 -6.26 -26.08
CA ASP A 131 -25.04 -7.03 -25.71
C ASP A 131 -24.19 -6.27 -24.69
N LEU A 132 -24.81 -5.46 -23.81
CA LEU A 132 -23.99 -4.75 -22.85
C LEU A 132 -23.27 -5.68 -21.86
N CYS A 133 -22.11 -5.25 -21.39
CA CYS A 133 -21.42 -5.98 -20.34
C CYS A 133 -21.14 -5.02 -19.19
N VAL A 134 -20.94 -5.55 -17.98
CA VAL A 134 -20.79 -4.70 -16.80
C VAL A 134 -19.46 -4.99 -16.10
N VAL A 135 -18.73 -3.92 -15.75
CA VAL A 135 -17.52 -4.03 -14.91
C VAL A 135 -17.95 -3.35 -13.59
N TRP A 136 -18.06 -4.12 -12.52
CA TRP A 136 -18.55 -3.64 -11.24
C TRP A 136 -17.38 -3.51 -10.28
N VAL A 137 -17.01 -2.27 -9.95
CA VAL A 137 -15.84 -2.00 -9.09
C VAL A 137 -16.33 -1.58 -7.73
N ASP A 138 -16.13 -2.44 -6.72
CA ASP A 138 -16.72 -2.22 -5.41
C ASP A 138 -16.07 -3.13 -4.38
N ALA A 139 -16.12 -2.73 -3.08
CA ALA A 139 -15.66 -3.61 -1.99
C ALA A 139 -16.71 -4.73 -1.81
N HIS A 140 -17.94 -4.47 -2.28
CA HIS A 140 -19.12 -5.35 -2.12
C HIS A 140 -19.70 -5.89 -3.45
N ALA A 141 -20.35 -7.08 -3.41
CA ALA A 141 -20.95 -7.73 -4.59
C ALA A 141 -22.36 -7.19 -4.90
N ASP A 142 -23.04 -6.60 -3.89
CA ASP A 142 -24.36 -5.99 -4.07
C ASP A 142 -25.31 -6.94 -4.81
N ILE A 143 -25.25 -8.22 -4.46
CA ILE A 143 -25.98 -9.27 -5.15
C ILE A 143 -26.84 -10.12 -4.21
N ASN A 144 -27.11 -9.62 -3.00
CA ASN A 144 -28.06 -10.38 -2.20
C ASN A 144 -29.41 -10.30 -2.92
N THR A 145 -30.27 -11.29 -2.73
CA THR A 145 -31.64 -11.19 -3.25
C THR A 145 -32.45 -10.56 -2.09
N PRO A 146 -33.71 -10.15 -2.30
CA PRO A 146 -34.54 -9.68 -1.15
C PRO A 146 -34.80 -10.79 -0.11
N LEU A 147 -34.47 -12.05 -0.45
CA LEU A 147 -34.61 -13.17 0.49
C LEU A 147 -33.32 -13.55 1.24
N THR A 148 -32.15 -13.15 0.74
CA THR A 148 -30.90 -13.47 1.40
C THR A 148 -30.34 -12.30 2.22
N THR A 149 -30.75 -11.09 1.88
CA THR A 149 -30.29 -9.92 2.61
C THR A 149 -30.52 -10.06 4.11
N SER A 150 -29.53 -9.63 4.90
CA SER A 150 -29.61 -9.60 6.37
C SER A 150 -30.03 -8.19 6.80
N SER A 151 -29.57 -7.16 6.07
CA SER A 151 -29.85 -5.77 6.38
C SER A 151 -31.18 -5.26 5.84
N GLY A 152 -31.59 -5.76 4.68
CA GLY A 152 -32.79 -5.28 4.00
C GLY A 152 -32.56 -4.04 3.17
N ASN A 153 -31.30 -3.52 3.17
CA ASN A 153 -30.92 -2.31 2.41
C ASN A 153 -30.79 -2.66 0.96
N LEU A 154 -31.49 -1.91 0.11
CA LEU A 154 -31.52 -2.25 -1.31
C LEU A 154 -30.22 -1.93 -2.06
N HIS A 155 -29.27 -1.14 -1.48
CA HIS A 155 -27.99 -0.92 -2.15
C HIS A 155 -27.10 -2.17 -2.16
N GLY A 156 -27.43 -3.15 -1.31
CA GLY A 156 -26.72 -4.42 -1.21
C GLY A 156 -27.34 -5.52 -2.04
N GLN A 157 -28.35 -5.18 -2.87
CA GLN A 157 -29.13 -6.16 -3.69
C GLN A 157 -29.28 -5.81 -5.20
N PRO A 158 -28.76 -4.68 -5.77
CA PRO A 158 -29.14 -4.30 -7.14
C PRO A 158 -28.90 -5.32 -8.23
N VAL A 159 -27.76 -6.01 -8.17
CA VAL A 159 -27.43 -7.01 -9.19
C VAL A 159 -28.46 -8.16 -9.22
N SER A 160 -29.09 -8.54 -8.05
CA SER A 160 -30.08 -9.64 -8.08
C SER A 160 -31.27 -9.39 -9.01
N PHE A 161 -31.70 -8.12 -9.17
CA PHE A 161 -32.85 -7.75 -10.02
C PHE A 161 -32.49 -7.73 -11.48
N LEU A 162 -31.21 -7.57 -11.79
CA LEU A 162 -30.72 -7.44 -13.16
C LEU A 162 -30.28 -8.76 -13.79
N LEU A 163 -29.85 -9.71 -12.97
CA LEU A 163 -29.30 -10.98 -13.49
C LEU A 163 -30.38 -11.96 -13.92
N ARG A 164 -30.31 -12.41 -15.19
CA ARG A 164 -31.29 -13.35 -15.74
C ARG A 164 -31.40 -14.68 -14.96
N GLU A 165 -30.24 -15.21 -14.53
CA GLU A 165 -30.15 -16.50 -13.82
C GLU A 165 -30.81 -16.50 -12.46
N LEU A 166 -31.02 -15.31 -11.88
CA LEU A 166 -31.62 -15.18 -10.55
C LEU A 166 -33.10 -14.86 -10.57
N GLN A 167 -33.71 -14.72 -11.75
CA GLN A 167 -35.12 -14.33 -11.85
C GLN A 167 -36.05 -15.21 -10.98
N ASP A 168 -35.83 -16.54 -10.94
CA ASP A 168 -36.67 -17.42 -10.12
C ASP A 168 -36.33 -17.43 -8.60
N LYS A 169 -35.34 -16.66 -8.18
CA LYS A 169 -34.94 -16.54 -6.78
C LYS A 169 -35.35 -15.20 -6.20
N VAL A 170 -35.85 -14.29 -7.05
CA VAL A 170 -36.16 -12.92 -6.60
C VAL A 170 -37.67 -12.72 -6.48
N PRO A 171 -38.17 -12.40 -5.25
CA PRO A 171 -39.62 -12.13 -5.12
C PRO A 171 -40.02 -10.80 -5.74
N GLN A 172 -41.33 -10.63 -6.02
CA GLN A 172 -41.88 -9.39 -6.57
C GLN A 172 -42.00 -8.35 -5.45
N LEU A 173 -41.18 -7.29 -5.49
CA LEU A 173 -41.25 -6.26 -4.45
C LEU A 173 -42.19 -5.15 -4.91
N PRO A 174 -42.85 -4.42 -3.96
CA PRO A 174 -43.66 -3.26 -4.38
C PRO A 174 -42.78 -2.19 -5.04
N GLY A 175 -43.22 -1.74 -6.22
CA GLY A 175 -42.54 -0.73 -7.04
C GLY A 175 -41.47 -1.26 -8.00
N PHE A 176 -41.27 -2.59 -8.04
CA PHE A 176 -40.24 -3.25 -8.85
C PHE A 176 -40.79 -4.04 -10.04
N SER A 177 -42.12 -3.99 -10.30
CA SER A 177 -42.69 -4.78 -11.41
C SER A 177 -42.19 -4.35 -12.80
N TRP A 178 -41.70 -3.11 -12.95
CA TRP A 178 -41.19 -2.58 -14.22
C TRP A 178 -39.82 -3.17 -14.63
N ILE A 179 -39.09 -3.76 -13.68
CA ILE A 179 -37.72 -4.27 -13.95
C ILE A 179 -37.75 -5.58 -14.72
N LYS A 180 -36.94 -5.68 -15.78
CA LYS A 180 -36.78 -6.91 -16.56
C LYS A 180 -35.30 -7.28 -16.41
N PRO A 181 -34.95 -8.52 -15.97
CA PRO A 181 -33.52 -8.91 -15.90
C PRO A 181 -32.91 -8.75 -17.29
N CYS A 182 -31.73 -8.15 -17.37
CA CYS A 182 -31.17 -7.78 -18.66
C CYS A 182 -29.71 -8.19 -18.86
N ILE A 183 -29.10 -8.86 -17.89
CA ILE A 183 -27.71 -9.31 -18.04
C ILE A 183 -27.56 -10.73 -17.60
N SER A 184 -26.65 -11.46 -18.28
CA SER A 184 -26.35 -12.84 -17.97
C SER A 184 -25.14 -12.88 -17.03
N SER A 185 -24.99 -13.99 -16.34
CA SER A 185 -23.92 -14.21 -15.38
C SER A 185 -22.52 -14.06 -16.01
N ALA A 186 -22.35 -14.43 -17.31
CA ALA A 186 -21.06 -14.29 -17.97
C ALA A 186 -20.80 -12.85 -18.46
N SER A 187 -21.74 -11.92 -18.23
CA SER A 187 -21.64 -10.54 -18.73
C SER A 187 -21.30 -9.50 -17.67
N ILE A 188 -21.00 -9.95 -16.45
CA ILE A 188 -20.61 -9.03 -15.39
C ILE A 188 -19.35 -9.52 -14.73
N VAL A 189 -18.37 -8.64 -14.57
CA VAL A 189 -17.12 -8.98 -13.85
C VAL A 189 -16.97 -8.01 -12.69
N TYR A 190 -16.70 -8.54 -11.50
CA TYR A 190 -16.46 -7.75 -10.29
C TYR A 190 -14.94 -7.53 -10.09
N ILE A 191 -14.57 -6.36 -9.57
CA ILE A 191 -13.19 -6.01 -9.21
C ILE A 191 -13.21 -5.28 -7.89
N GLY A 192 -12.37 -5.70 -6.94
CA GLY A 192 -12.21 -5.03 -5.65
C GLY A 192 -12.86 -5.64 -4.44
N LEU A 193 -13.58 -6.75 -4.61
CA LEU A 193 -14.36 -7.40 -3.53
C LEU A 193 -13.54 -7.73 -2.31
N ARG A 194 -14.08 -7.43 -1.14
CA ARG A 194 -13.43 -7.75 0.12
C ARG A 194 -14.42 -7.94 1.28
N ASP A 195 -15.70 -7.67 1.08
CA ASP A 195 -16.71 -7.84 2.14
C ASP A 195 -17.96 -8.42 1.51
N VAL A 196 -18.00 -9.75 1.41
CA VAL A 196 -19.02 -10.53 0.71
C VAL A 196 -19.76 -11.38 1.73
N ASP A 197 -21.11 -11.37 1.65
CA ASP A 197 -21.92 -12.20 2.54
C ASP A 197 -21.90 -13.67 2.07
N PRO A 198 -22.09 -14.67 2.97
CA PRO A 198 -22.14 -16.09 2.54
C PRO A 198 -23.13 -16.36 1.38
N PRO A 199 -24.39 -15.86 1.36
CA PRO A 199 -25.26 -16.09 0.19
C PRO A 199 -24.69 -15.48 -1.10
N GLU A 200 -24.03 -14.29 -0.99
CA GLU A 200 -23.42 -13.62 -2.15
C GLU A 200 -22.26 -14.46 -2.66
N HIS A 201 -21.45 -15.05 -1.75
CA HIS A 201 -20.35 -15.92 -2.17
C HIS A 201 -20.94 -17.12 -2.93
N PHE A 202 -22.02 -17.72 -2.40
CA PHE A 202 -22.69 -18.84 -3.06
C PHE A 202 -23.17 -18.44 -4.46
N ILE A 203 -23.84 -17.29 -4.58
CA ILE A 203 -24.35 -16.82 -5.89
C ILE A 203 -23.20 -16.71 -6.89
N LEU A 204 -22.08 -16.06 -6.48
CA LEU A 204 -20.94 -15.82 -7.38
C LEU A 204 -20.36 -17.14 -7.84
N LYS A 205 -20.07 -18.05 -6.90
CA LYS A 205 -19.51 -19.37 -7.26
C LYS A 205 -20.50 -20.23 -8.04
N ASN A 206 -21.72 -20.32 -7.56
CA ASN A 206 -22.74 -21.20 -8.16
C ASN A 206 -23.09 -20.85 -9.60
N TYR A 207 -23.20 -19.57 -9.90
CA TYR A 207 -23.60 -19.10 -11.22
C TYR A 207 -22.39 -18.73 -12.11
N ASP A 208 -21.16 -19.07 -11.66
CA ASP A 208 -19.93 -18.82 -12.44
C ASP A 208 -19.72 -17.36 -12.78
N ILE A 209 -20.05 -16.46 -11.85
CA ILE A 209 -19.84 -15.04 -12.10
C ILE A 209 -18.38 -14.81 -11.75
N GLN A 210 -17.64 -14.23 -12.70
CA GLN A 210 -16.22 -13.97 -12.52
C GLN A 210 -15.96 -12.75 -11.66
N TYR A 211 -15.03 -12.88 -10.72
CA TYR A 211 -14.68 -11.76 -9.86
C TYR A 211 -13.20 -11.74 -9.55
N PHE A 212 -12.67 -10.56 -9.30
CA PHE A 212 -11.29 -10.42 -8.91
C PHE A 212 -11.36 -9.71 -7.58
N SER A 213 -11.29 -10.50 -6.48
CA SER A 213 -11.33 -9.88 -5.14
C SER A 213 -10.01 -9.15 -4.88
N MET A 214 -9.86 -8.47 -3.72
CA MET A 214 -8.58 -7.84 -3.37
C MET A 214 -7.46 -8.92 -3.31
N ARG A 215 -7.80 -10.15 -2.87
CA ARG A 215 -6.88 -11.28 -2.81
C ARG A 215 -6.38 -11.61 -4.24
N ASP A 216 -7.29 -11.71 -5.22
CA ASP A 216 -6.90 -11.93 -6.63
C ASP A 216 -6.00 -10.83 -7.15
N ILE A 217 -6.27 -9.56 -6.76
CA ILE A 217 -5.40 -8.44 -7.18
C ILE A 217 -4.04 -8.59 -6.50
N ASP A 218 -4.01 -9.03 -5.21
CA ASP A 218 -2.75 -9.24 -4.47
C ASP A 218 -1.89 -10.26 -5.18
N ARG A 219 -2.50 -11.29 -5.78
CA ARG A 219 -1.82 -12.38 -6.47
C ARG A 219 -1.39 -12.04 -7.89
N LEU A 220 -2.34 -11.55 -8.70
CA LEU A 220 -2.15 -11.28 -10.12
C LEU A 220 -1.58 -9.95 -10.46
N GLY A 221 -1.96 -8.92 -9.71
CA GLY A 221 -1.62 -7.54 -10.00
C GLY A 221 -2.74 -6.98 -10.88
N ILE A 222 -2.96 -5.67 -10.80
CA ILE A 222 -4.07 -5.02 -11.53
C ILE A 222 -3.91 -5.14 -13.08
N GLN A 223 -2.67 -5.24 -13.59
CA GLN A 223 -2.53 -5.40 -15.05
C GLN A 223 -3.20 -6.68 -15.54
N LYS A 224 -2.82 -7.82 -14.94
CA LYS A 224 -3.41 -9.11 -15.30
C LYS A 224 -4.91 -9.14 -15.01
N VAL A 225 -5.36 -8.47 -13.93
CA VAL A 225 -6.79 -8.42 -13.62
C VAL A 225 -7.56 -7.75 -14.79
N MET A 226 -7.07 -6.61 -15.29
CA MET A 226 -7.73 -5.90 -16.40
C MET A 226 -7.69 -6.69 -17.68
N GLU A 227 -6.56 -7.34 -17.99
CA GLU A 227 -6.43 -8.19 -19.18
C GLU A 227 -7.44 -9.35 -19.15
N ARG A 228 -7.56 -10.02 -17.98
CA ARG A 228 -8.48 -11.14 -17.83
C ARG A 228 -9.93 -10.65 -17.90
N THR A 229 -10.24 -9.50 -17.27
CA THR A 229 -11.59 -8.91 -17.32
C THR A 229 -12.02 -8.72 -18.79
N PHE A 230 -11.14 -8.11 -19.63
CA PHE A 230 -11.48 -7.85 -21.03
C PHE A 230 -11.54 -9.13 -21.83
N ASP A 231 -10.67 -10.09 -21.54
CA ASP A 231 -10.74 -11.40 -22.20
C ASP A 231 -12.10 -12.08 -21.95
N LEU A 232 -12.60 -12.00 -20.70
CA LEU A 232 -13.88 -12.62 -20.36
C LEU A 232 -15.05 -11.86 -21.01
N LEU A 233 -14.99 -10.54 -21.04
CA LEU A 233 -16.12 -9.74 -21.52
C LEU A 233 -16.13 -9.43 -23.00
N ILE A 234 -15.01 -8.92 -23.53
CA ILE A 234 -14.92 -8.47 -24.92
C ILE A 234 -13.86 -9.23 -25.72
N GLY A 235 -13.54 -10.45 -25.28
CA GLY A 235 -12.54 -11.27 -25.96
C GLY A 235 -13.04 -11.85 -27.26
N LYS A 236 -14.36 -12.09 -27.37
CA LYS A 236 -15.01 -12.65 -28.57
C LYS A 236 -15.59 -11.56 -29.48
N ARG A 237 -16.06 -10.44 -28.91
CA ARG A 237 -16.68 -9.37 -29.69
C ARG A 237 -16.69 -8.06 -28.93
N GLN A 238 -16.74 -6.95 -29.68
CA GLN A 238 -16.84 -5.60 -29.14
C GLN A 238 -18.23 -5.50 -28.52
N ARG A 239 -18.31 -4.84 -27.37
CA ARG A 239 -19.56 -4.69 -26.64
C ARG A 239 -19.52 -3.37 -25.89
N PRO A 240 -20.70 -2.72 -25.73
CA PRO A 240 -20.73 -1.49 -24.92
C PRO A 240 -20.48 -1.88 -23.45
N ILE A 241 -19.66 -1.10 -22.76
CA ILE A 241 -19.29 -1.37 -21.37
C ILE A 241 -20.00 -0.41 -20.42
N HIS A 242 -20.57 -0.98 -19.35
CA HIS A 242 -21.16 -0.19 -18.28
C HIS A 242 -20.25 -0.35 -17.07
N LEU A 243 -19.59 0.73 -16.65
CA LEU A 243 -18.69 0.73 -15.50
C LEU A 243 -19.47 1.20 -14.28
N SER A 244 -19.76 0.30 -13.36
CA SER A 244 -20.49 0.68 -12.14
C SER A 244 -19.44 0.75 -11.04
N PHE A 245 -19.04 1.98 -10.72
CA PHE A 245 -17.92 2.25 -9.80
C PHE A 245 -18.35 2.79 -8.42
N ASP A 246 -18.23 1.95 -7.39
CA ASP A 246 -18.53 2.36 -6.02
C ASP A 246 -17.21 2.95 -5.43
N ILE A 247 -17.26 4.21 -4.94
CA ILE A 247 -16.08 4.86 -4.36
C ILE A 247 -15.47 4.06 -3.20
N ASP A 248 -16.28 3.19 -2.55
CA ASP A 248 -15.77 2.36 -1.45
C ASP A 248 -14.89 1.22 -1.96
N ALA A 249 -14.70 1.08 -3.30
CA ALA A 249 -13.71 0.12 -3.82
C ALA A 249 -12.29 0.55 -3.36
N PHE A 250 -12.06 1.87 -3.31
CA PHE A 250 -10.80 2.44 -2.79
C PHE A 250 -10.63 2.20 -1.32
N ASP A 251 -9.37 2.16 -0.87
CA ASP A 251 -9.08 2.02 0.54
C ASP A 251 -9.74 3.22 1.30
N PRO A 252 -10.31 3.02 2.50
CA PRO A 252 -10.88 4.16 3.25
C PRO A 252 -9.94 5.35 3.55
N THR A 253 -8.60 5.14 3.50
CA THR A 253 -7.65 6.27 3.70
C THR A 253 -7.74 7.25 2.50
N LEU A 254 -8.11 6.74 1.31
CA LEU A 254 -8.25 7.51 0.09
C LEU A 254 -9.67 7.99 -0.14
N ALA A 255 -10.67 7.19 0.26
CA ALA A 255 -12.08 7.50 0.08
C ALA A 255 -12.83 7.40 1.44
N PRO A 256 -12.55 8.32 2.38
CA PRO A 256 -13.15 8.22 3.72
C PRO A 256 -14.64 8.51 3.80
N ALA A 257 -15.13 9.47 2.97
CA ALA A 257 -16.51 9.94 2.93
C ALA A 257 -17.43 8.97 2.14
N THR A 258 -17.69 7.79 2.75
CA THR A 258 -18.54 6.71 2.22
C THR A 258 -19.18 5.95 3.40
N GLY A 259 -20.35 5.38 3.17
CA GLY A 259 -21.15 4.71 4.20
C GLY A 259 -20.67 3.38 4.72
N THR A 260 -20.11 2.53 3.85
CA THR A 260 -19.66 1.21 4.30
C THR A 260 -18.19 1.04 3.96
N PRO A 261 -17.27 1.75 4.67
CA PRO A 261 -15.85 1.61 4.32
C PRO A 261 -15.30 0.27 4.79
N VAL A 262 -14.43 -0.31 3.98
CA VAL A 262 -13.80 -1.60 4.30
C VAL A 262 -12.29 -1.42 4.08
N VAL A 263 -11.50 -1.66 5.13
CA VAL A 263 -10.04 -1.53 5.07
C VAL A 263 -9.44 -2.50 4.01
N GLY A 264 -8.32 -2.11 3.41
CA GLY A 264 -7.60 -2.95 2.45
C GLY A 264 -8.11 -2.89 1.04
N GLY A 265 -8.45 -1.70 0.59
CA GLY A 265 -9.00 -1.45 -0.73
C GLY A 265 -7.98 -1.12 -1.81
N LEU A 266 -8.49 -0.70 -2.96
CA LEU A 266 -7.64 -0.29 -4.08
C LEU A 266 -6.81 0.92 -3.69
N THR A 267 -5.62 0.99 -4.27
CA THR A 267 -4.76 2.17 -4.12
C THR A 267 -5.22 3.18 -5.18
N TYR A 268 -4.74 4.42 -5.06
CA TYR A 268 -5.03 5.46 -6.04
C TYR A 268 -4.61 4.99 -7.42
N ARG A 269 -3.38 4.48 -7.53
CA ARG A 269 -2.78 3.93 -8.75
C ARG A 269 -3.61 2.79 -9.36
N GLU A 270 -4.09 1.85 -8.53
CA GLU A 270 -4.90 0.74 -9.05
C GLU A 270 -6.22 1.25 -9.60
N GLY A 271 -6.85 2.17 -8.88
CA GLY A 271 -8.12 2.77 -9.29
C GLY A 271 -8.00 3.52 -10.60
N MET A 272 -6.92 4.32 -10.77
CA MET A 272 -6.68 5.03 -12.03
C MET A 272 -6.36 4.06 -13.13
N TYR A 273 -5.66 2.95 -12.80
CA TYR A 273 -5.33 1.94 -13.79
C TYR A 273 -6.59 1.28 -14.36
N ILE A 274 -7.56 0.96 -13.49
CA ILE A 274 -8.82 0.35 -13.93
C ILE A 274 -9.49 1.32 -14.93
N ALA A 275 -9.64 2.58 -14.51
CA ALA A 275 -10.27 3.66 -15.30
C ALA A 275 -9.58 3.89 -16.65
N GLU A 276 -8.22 3.88 -16.67
CA GLU A 276 -7.41 4.04 -17.89
C GLU A 276 -7.62 2.89 -18.87
N GLU A 277 -7.64 1.65 -18.34
CA GLU A 277 -7.86 0.48 -19.16
C GLU A 277 -9.24 0.47 -19.79
N ILE A 278 -10.26 0.91 -19.04
CA ILE A 278 -11.64 1.00 -19.55
C ILE A 278 -11.65 2.04 -20.70
N HIS A 279 -10.97 3.20 -20.49
CA HIS A 279 -10.88 4.23 -21.53
C HIS A 279 -10.24 3.64 -22.80
N ASN A 280 -9.14 2.88 -22.63
CA ASN A 280 -8.35 2.28 -23.70
C ASN A 280 -9.12 1.29 -24.59
N THR A 281 -10.23 0.70 -24.09
CA THR A 281 -11.04 -0.20 -24.92
C THR A 281 -11.80 0.59 -26.01
N GLY A 282 -12.17 1.81 -25.66
CA GLY A 282 -12.96 2.73 -26.47
C GLY A 282 -14.41 2.31 -26.52
N LEU A 283 -14.82 1.45 -25.56
CA LEU A 283 -16.15 0.86 -25.51
C LEU A 283 -16.97 1.32 -24.32
N LEU A 284 -16.45 2.27 -23.52
CA LEU A 284 -17.21 2.77 -22.38
C LEU A 284 -18.49 3.49 -22.85
N SER A 285 -19.62 2.99 -22.36
CA SER A 285 -20.92 3.48 -22.77
C SER A 285 -21.69 4.17 -21.65
N ALA A 286 -21.41 3.81 -20.41
CA ALA A 286 -22.05 4.39 -19.22
C ALA A 286 -21.17 4.13 -18.01
N LEU A 287 -21.22 5.05 -17.06
CA LEU A 287 -20.42 4.96 -15.85
C LEU A 287 -21.26 5.45 -14.69
N ASP A 288 -21.30 4.67 -13.60
CA ASP A 288 -21.94 5.06 -12.35
C ASP A 288 -20.80 5.41 -11.39
N LEU A 289 -20.89 6.54 -10.67
CA LEU A 289 -19.91 6.88 -9.64
C LEU A 289 -20.74 7.09 -8.39
N VAL A 290 -20.79 6.07 -7.55
CA VAL A 290 -21.70 6.07 -6.42
C VAL A 290 -21.04 6.02 -5.05
N GLU A 291 -21.87 6.27 -4.03
CA GLU A 291 -21.62 6.12 -2.60
C GLU A 291 -20.72 7.20 -1.99
N VAL A 292 -20.55 8.33 -2.69
CA VAL A 292 -19.82 9.46 -2.10
C VAL A 292 -20.80 10.09 -1.11
N ASN A 293 -20.44 10.09 0.16
CA ASN A 293 -21.27 10.64 1.22
C ASN A 293 -20.41 11.68 1.98
N PRO A 294 -20.46 12.95 1.54
CA PRO A 294 -19.63 14.00 2.16
C PRO A 294 -19.88 14.24 3.66
N GLN A 295 -21.08 13.94 4.15
CA GLN A 295 -21.45 14.11 5.55
C GLN A 295 -20.73 13.17 6.54
N LEU A 296 -20.22 12.03 6.05
CA LEU A 296 -19.54 11.05 6.90
C LEU A 296 -18.04 11.29 7.04
N ALA A 297 -17.54 12.35 6.37
CA ALA A 297 -16.16 12.79 6.49
C ALA A 297 -16.02 13.49 7.86
N THR A 298 -14.89 13.31 8.54
CA THR A 298 -14.65 13.93 9.86
C THR A 298 -14.23 15.40 9.72
N SER A 299 -13.79 15.80 8.52
CA SER A 299 -13.35 17.14 8.17
C SER A 299 -13.74 17.48 6.72
N GLU A 300 -13.60 18.77 6.34
CA GLU A 300 -13.89 19.28 4.99
C GLU A 300 -12.87 18.72 3.99
N GLU A 301 -11.61 18.54 4.43
CA GLU A 301 -10.55 18.00 3.57
C GLU A 301 -10.80 16.52 3.21
N GLU A 302 -11.40 15.73 4.13
CA GLU A 302 -11.76 14.31 3.93
C GLU A 302 -12.86 14.20 2.85
N ALA A 303 -13.86 15.09 2.90
CA ALA A 303 -14.97 15.19 1.95
C ALA A 303 -14.43 15.59 0.59
N LYS A 304 -13.54 16.62 0.56
CA LYS A 304 -12.91 17.11 -0.67
C LYS A 304 -12.03 16.05 -1.31
N THR A 305 -11.22 15.34 -0.51
CA THR A 305 -10.34 14.27 -1.03
C THR A 305 -11.17 13.20 -1.74
N THR A 306 -12.29 12.77 -1.11
CA THR A 306 -13.21 11.77 -1.66
C THR A 306 -13.85 12.28 -2.95
N ALA A 307 -14.32 13.55 -2.97
CA ALA A 307 -14.92 14.16 -4.16
C ALA A 307 -13.92 14.28 -5.30
N ASN A 308 -12.66 14.66 -4.99
CA ASN A 308 -11.58 14.81 -5.98
C ASN A 308 -11.20 13.46 -6.57
N LEU A 309 -11.25 12.42 -5.74
CA LEU A 309 -10.94 11.06 -6.18
C LEU A 309 -12.03 10.62 -7.17
N ALA A 310 -13.32 10.91 -6.85
CA ALA A 310 -14.47 10.61 -7.71
C ALA A 310 -14.27 11.27 -9.09
N VAL A 311 -13.85 12.56 -9.10
CA VAL A 311 -13.59 13.30 -10.34
C VAL A 311 -12.43 12.64 -11.13
N ASP A 312 -11.34 12.21 -10.41
CA ASP A 312 -10.22 11.54 -11.07
C ASP A 312 -10.63 10.25 -11.76
N VAL A 313 -11.53 9.44 -11.14
CA VAL A 313 -12.01 8.19 -11.75
C VAL A 313 -12.74 8.48 -13.08
N ILE A 314 -13.69 9.39 -13.01
CA ILE A 314 -14.50 9.77 -14.19
C ILE A 314 -13.60 10.34 -15.31
N ALA A 315 -12.72 11.31 -14.97
CA ALA A 315 -11.79 11.90 -15.94
C ALA A 315 -10.90 10.85 -16.58
N SER A 316 -10.34 9.91 -15.77
CA SER A 316 -9.49 8.84 -16.33
C SER A 316 -10.28 7.90 -17.23
N SER A 317 -11.59 7.69 -16.93
CA SER A 317 -12.46 6.85 -17.73
C SER A 317 -12.73 7.47 -19.10
N PHE A 318 -12.52 8.80 -19.23
CA PHE A 318 -12.70 9.56 -20.49
C PHE A 318 -11.39 10.17 -21.08
N GLY A 319 -10.24 9.61 -20.68
CA GLY A 319 -9.00 10.04 -21.29
C GLY A 319 -7.87 10.57 -20.46
N GLN A 320 -8.13 11.09 -19.23
CA GLN A 320 -7.06 11.60 -18.37
C GLN A 320 -6.04 10.49 -18.12
N THR A 321 -4.76 10.81 -18.31
CA THR A 321 -3.72 9.80 -18.20
C THR A 321 -2.61 10.28 -17.26
N ARG A 322 -1.76 9.33 -16.83
CA ARG A 322 -0.63 9.55 -15.95
C ARG A 322 0.60 10.01 -16.75
N GLU A 323 0.57 9.84 -18.09
CA GLU A 323 1.68 10.20 -18.98
C GLU A 323 1.50 11.57 -19.71
N GLY A 324 0.37 12.24 -19.48
CA GLY A 324 0.02 13.53 -20.06
C GLY A 324 -0.14 13.57 -21.57
N GLY A 325 -0.68 12.50 -22.14
CA GLY A 325 -0.90 12.36 -23.58
C GLY A 325 -2.32 12.59 -24.06
N HIS A 326 -3.21 13.09 -23.17
CA HIS A 326 -4.61 13.38 -23.52
C HIS A 326 -4.75 14.54 -24.50
N ILE A 327 -3.97 15.61 -24.28
CA ILE A 327 -3.94 16.80 -25.15
C ILE A 327 -2.84 16.57 -26.20
N VAL A 328 -3.20 16.70 -27.49
CA VAL A 328 -2.29 16.48 -28.62
C VAL A 328 -1.43 17.73 -28.88
N TYR A 329 -0.10 17.55 -28.90
CA TYR A 329 0.89 18.58 -29.18
C TYR A 329 1.46 18.30 -30.57
N ASP A 330 1.38 19.29 -31.48
CA ASP A 330 1.83 19.12 -32.86
C ASP A 330 3.16 19.78 -33.20
N GLN A 331 3.40 21.03 -32.73
CA GLN A 331 4.64 21.73 -33.06
C GLN A 331 5.32 22.47 -31.90
N LEU A 332 6.65 22.31 -31.80
CA LEU A 332 7.51 22.95 -30.80
C LEU A 332 7.99 24.31 -31.35
N PRO A 333 7.92 25.41 -30.55
CA PRO A 333 8.38 26.71 -31.08
C PRO A 333 9.89 26.76 -31.38
N THR A 334 10.23 27.20 -32.61
CA THR A 334 11.60 27.30 -33.12
C THR A 334 12.18 28.72 -32.92
N PRO A 335 13.49 28.87 -32.58
CA PRO A 335 14.05 30.22 -32.40
C PRO A 335 14.55 30.87 -33.69
N ASN B 12 31.93 0.04 14.73
CA ASN B 12 31.98 -0.96 13.66
C ASN B 12 33.18 -0.73 12.76
N LEU B 13 33.97 -1.76 12.54
CA LEU B 13 35.21 -1.66 11.77
C LEU B 13 35.14 -2.26 10.39
N TYR B 14 34.09 -3.08 10.10
CA TYR B 14 34.00 -3.78 8.81
C TYR B 14 32.71 -3.46 8.10
N PHE B 15 32.80 -3.24 6.80
CA PHE B 15 31.66 -2.85 5.97
C PHE B 15 31.68 -3.61 4.67
N GLN B 16 30.50 -3.90 4.06
CA GLN B 16 30.49 -4.64 2.81
C GLN B 16 31.12 -3.85 1.69
N SER B 17 31.04 -2.51 1.79
CA SER B 17 31.64 -1.58 0.84
C SER B 17 31.97 -0.24 1.49
N VAL B 18 33.03 0.40 0.99
CA VAL B 18 33.51 1.69 1.49
C VAL B 18 33.45 2.63 0.29
N HIS B 19 32.68 3.72 0.43
CA HIS B 19 32.53 4.74 -0.62
C HIS B 19 33.05 6.08 -0.10
N SER B 20 33.53 6.94 -1.01
CA SER B 20 33.96 8.29 -0.67
C SER B 20 32.80 9.22 -1.05
N VAL B 21 32.21 9.95 -0.08
CA VAL B 21 31.02 10.76 -0.32
C VAL B 21 31.22 12.24 0.09
N ALA B 22 30.85 13.19 -0.81
CA ALA B 22 30.88 14.64 -0.59
C ALA B 22 29.47 15.19 -0.42
N VAL B 23 29.25 16.02 0.60
CA VAL B 23 27.93 16.60 0.88
C VAL B 23 27.97 18.14 0.72
N ILE B 24 27.02 18.70 -0.06
CA ILE B 24 26.88 20.14 -0.32
C ILE B 24 25.43 20.56 -0.13
N GLY B 25 25.22 21.64 0.62
CA GLY B 25 23.89 22.24 0.81
C GLY B 25 23.67 23.39 -0.15
N ALA B 26 22.65 23.27 -1.02
CA ALA B 26 22.28 24.28 -2.03
C ALA B 26 20.86 24.80 -1.76
N PRO B 27 20.70 25.80 -0.86
CA PRO B 27 19.36 26.29 -0.53
C PRO B 27 18.75 27.28 -1.54
N PHE B 28 18.70 26.90 -2.83
CA PHE B 28 18.17 27.68 -3.96
C PHE B 28 16.86 28.43 -3.69
N GLY B 36 9.71 28.12 1.28
CA GLY B 36 10.65 27.73 2.33
C GLY B 36 11.54 26.56 1.98
N VAL B 37 11.75 26.33 0.66
CA VAL B 37 12.57 25.26 0.09
C VAL B 37 14.05 25.43 0.47
N GLU B 38 14.45 26.68 0.83
CA GLU B 38 15.81 27.03 1.28
C GLU B 38 16.16 26.38 2.63
N HIS B 39 15.13 26.02 3.43
CA HIS B 39 15.28 25.37 4.74
C HIS B 39 15.45 23.83 4.60
N GLY B 40 15.46 23.34 3.36
CA GLY B 40 15.62 21.94 2.99
C GLY B 40 16.92 21.30 3.45
N PRO B 41 18.11 21.84 3.07
CA PRO B 41 19.39 21.24 3.52
C PRO B 41 19.54 21.20 5.05
N ALA B 42 19.04 22.24 5.76
CA ALA B 42 19.05 22.31 7.22
C ALA B 42 18.16 21.22 7.83
N ALA B 43 17.00 20.93 7.19
CA ALA B 43 16.03 19.92 7.65
C ALA B 43 16.60 18.52 7.50
N ILE B 44 17.33 18.27 6.40
CA ILE B 44 17.95 16.99 6.08
C ILE B 44 19.09 16.74 7.08
N ARG B 45 19.95 17.77 7.31
CA ARG B 45 21.07 17.71 8.25
C ARG B 45 20.58 17.46 9.70
N GLU B 46 19.54 18.20 10.17
CA GLU B 46 18.96 18.05 11.52
C GLU B 46 18.38 16.66 11.77
N ALA B 47 18.04 15.94 10.69
CA ALA B 47 17.50 14.58 10.71
C ALA B 47 18.63 13.53 10.82
N GLY B 48 19.87 13.99 10.98
CA GLY B 48 21.08 13.19 11.17
C GLY B 48 21.73 12.56 9.95
N LEU B 49 21.80 13.28 8.81
CA LEU B 49 22.38 12.74 7.58
C LEU B 49 23.85 12.32 7.70
N MET B 50 24.73 13.22 8.16
CA MET B 50 26.18 13.00 8.28
C MET B 50 26.52 11.77 9.14
N LYS B 51 25.86 11.68 10.32
CA LYS B 51 25.97 10.55 11.26
C LYS B 51 25.63 9.22 10.55
N ARG B 52 24.53 9.22 9.76
CA ARG B 52 24.06 8.04 9.03
C ARG B 52 25.07 7.57 7.98
N LEU B 53 25.62 8.51 7.19
CA LEU B 53 26.62 8.15 6.16
C LEU B 53 27.92 7.64 6.81
N SER B 54 28.31 8.25 7.96
CA SER B 54 29.47 7.85 8.75
C SER B 54 29.26 6.42 9.27
N SER B 55 28.03 6.13 9.76
CA SER B 55 27.64 4.79 10.23
C SER B 55 27.72 3.71 9.12
N LEU B 56 27.73 4.13 7.83
CA LEU B 56 27.85 3.21 6.70
C LEU B 56 29.29 2.99 6.23
N GLY B 57 30.25 3.54 6.97
CA GLY B 57 31.65 3.39 6.64
C GLY B 57 32.10 4.21 5.44
N CYS B 58 31.45 5.38 5.24
CA CYS B 58 31.78 6.31 4.15
C CYS B 58 32.97 7.21 4.54
N HIS B 59 33.86 7.48 3.59
CA HIS B 59 34.91 8.50 3.79
C HIS B 59 34.18 9.83 3.45
N LEU B 60 33.79 10.63 4.46
CA LEU B 60 33.03 11.88 4.24
C LEU B 60 33.87 13.14 4.03
N LYS B 61 33.33 14.05 3.20
CA LYS B 61 33.87 15.38 2.92
C LYS B 61 32.69 16.35 2.84
N ASP B 62 32.44 17.10 3.92
CA ASP B 62 31.34 18.07 3.95
C ASP B 62 31.81 19.44 3.47
N PHE B 63 31.18 19.95 2.38
CA PHE B 63 31.47 21.27 1.81
C PHE B 63 30.60 22.36 2.45
N GLY B 64 29.76 21.97 3.40
CA GLY B 64 28.85 22.86 4.10
C GLY B 64 27.70 23.33 3.22
N ASP B 65 27.05 24.43 3.62
CA ASP B 65 25.94 25.01 2.88
C ASP B 65 26.38 26.30 2.16
N LEU B 66 26.26 26.34 0.82
CA LEU B 66 26.62 27.49 -0.02
C LEU B 66 25.66 28.67 0.13
N LEU B 76 12.81 39.87 -16.48
CA LEU B 76 12.78 38.46 -16.87
C LEU B 76 12.78 38.28 -18.40
N TYR B 77 13.28 37.13 -18.87
CA TYR B 77 13.36 36.77 -20.29
C TYR B 77 11.96 36.35 -20.77
N ASN B 78 11.40 37.08 -21.76
CA ASN B 78 10.08 36.88 -22.37
C ASN B 78 8.94 36.91 -21.35
N ASN B 83 13.87 34.00 -11.98
CA ASN B 83 15.10 34.77 -11.82
C ASN B 83 16.22 34.14 -12.68
N PRO B 84 16.26 34.39 -14.02
CA PRO B 84 17.31 33.75 -14.85
C PRO B 84 18.74 34.13 -14.49
N ARG B 85 18.96 35.30 -13.86
CA ARG B 85 20.29 35.73 -13.45
C ARG B 85 20.72 35.01 -12.16
N SER B 86 19.94 35.16 -11.06
CA SER B 86 20.18 34.54 -9.75
C SER B 86 20.29 33.01 -9.80
N VAL B 87 19.40 32.35 -10.58
CA VAL B 87 19.38 30.89 -10.78
C VAL B 87 20.66 30.46 -11.51
N GLY B 88 20.99 31.16 -12.60
CA GLY B 88 22.17 30.91 -13.41
C GLY B 88 23.49 31.13 -12.66
N LEU B 89 23.49 32.12 -11.74
CA LEU B 89 24.65 32.46 -10.90
C LEU B 89 24.87 31.40 -9.83
N ALA B 90 23.85 31.15 -8.97
CA ALA B 90 23.88 30.14 -7.90
C ALA B 90 24.27 28.76 -8.43
N ASN B 91 23.81 28.43 -9.66
CA ASN B 91 24.12 27.18 -10.34
C ASN B 91 25.58 27.15 -10.80
N GLN B 92 26.14 28.32 -11.17
CA GLN B 92 27.54 28.37 -11.57
C GLN B 92 28.47 28.08 -10.38
N GLU B 93 28.11 28.56 -9.16
CA GLU B 93 28.87 28.26 -7.93
C GLU B 93 28.76 26.77 -7.60
N LEU B 94 27.52 26.22 -7.70
CA LEU B 94 27.25 24.81 -7.43
C LEU B 94 28.00 23.88 -8.40
N ALA B 95 27.99 24.19 -9.71
CA ALA B 95 28.69 23.40 -10.74
C ALA B 95 30.18 23.32 -10.49
N GLU B 96 30.82 24.44 -10.03
CA GLU B 96 32.25 24.40 -9.73
C GLU B 96 32.57 23.66 -8.42
N VAL B 97 31.67 23.69 -7.42
CA VAL B 97 31.87 22.94 -6.19
C VAL B 97 31.73 21.42 -6.49
N VAL B 98 30.70 21.03 -7.27
CA VAL B 98 30.41 19.65 -7.70
C VAL B 98 31.56 19.10 -8.54
N SER B 99 32.08 19.93 -9.45
CA SER B 99 33.19 19.55 -10.32
C SER B 99 34.44 19.23 -9.51
N ARG B 100 34.69 20.00 -8.42
CA ARG B 100 35.84 19.80 -7.53
C ARG B 100 35.72 18.52 -6.72
N ALA B 101 34.52 18.30 -6.11
CA ALA B 101 34.19 17.11 -5.32
C ALA B 101 34.35 15.82 -6.14
N VAL B 102 33.79 15.79 -7.35
CA VAL B 102 33.85 14.63 -8.26
C VAL B 102 35.29 14.45 -8.81
N SER B 103 36.06 15.56 -8.97
CA SER B 103 37.46 15.52 -9.43
C SER B 103 38.34 14.77 -8.41
N ASP B 104 38.12 15.05 -7.11
CA ASP B 104 38.82 14.44 -5.98
C ASP B 104 38.48 12.95 -5.80
N GLY B 105 37.46 12.47 -6.51
CA GLY B 105 37.00 11.08 -6.47
C GLY B 105 35.83 10.81 -5.56
N TYR B 106 35.12 11.87 -5.12
CA TYR B 106 33.96 11.77 -4.24
C TYR B 106 32.66 11.60 -5.02
N SER B 107 31.74 10.80 -4.46
CA SER B 107 30.39 10.63 -4.98
C SER B 107 29.68 11.84 -4.40
N CYS B 108 29.29 12.80 -5.27
CA CYS B 108 28.74 14.06 -4.80
C CYS B 108 27.25 14.01 -4.47
N VAL B 109 26.89 14.43 -3.26
CA VAL B 109 25.50 14.50 -2.77
C VAL B 109 25.15 15.97 -2.55
N THR B 110 24.12 16.48 -3.28
CA THR B 110 23.65 17.86 -3.15
C THR B 110 22.27 17.92 -2.52
N LEU B 111 22.15 18.66 -1.42
CA LEU B 111 20.89 18.86 -0.71
C LEU B 111 20.20 20.15 -1.16
N GLY B 112 18.99 20.02 -1.68
CA GLY B 112 18.16 21.13 -2.12
C GLY B 112 17.22 21.64 -1.04
N GLY B 113 16.51 22.76 -1.27
CA GLY B 113 16.53 23.55 -2.50
C GLY B 113 15.63 23.00 -3.59
N ASP B 114 15.19 23.86 -4.53
CA ASP B 114 14.36 23.40 -5.64
C ASP B 114 15.20 22.67 -6.72
N HIS B 115 14.54 21.93 -7.64
CA HIS B 115 15.18 21.09 -8.65
C HIS B 115 15.98 21.84 -9.72
N SER B 116 15.94 23.20 -9.74
CA SER B 116 16.72 23.99 -10.70
C SER B 116 18.23 23.77 -10.52
N LEU B 117 18.66 23.40 -9.28
CA LEU B 117 20.06 23.12 -8.93
C LEU B 117 20.67 21.94 -9.72
N ALA B 118 19.82 21.15 -10.39
CA ALA B 118 20.23 20.00 -11.21
C ALA B 118 21.00 20.45 -12.46
N ILE B 119 20.84 21.71 -12.88
CA ILE B 119 21.61 22.18 -14.06
C ILE B 119 23.08 22.24 -13.63
N GLY B 120 23.33 22.86 -12.47
CA GLY B 120 24.64 22.98 -11.84
C GLY B 120 25.29 21.64 -11.53
N THR B 121 24.58 20.77 -10.76
CA THR B 121 25.13 19.46 -10.37
C THR B 121 25.41 18.53 -11.57
N ILE B 122 24.50 18.43 -12.57
CA ILE B 122 24.74 17.55 -13.74
C ILE B 122 25.84 18.11 -14.66
N SER B 123 25.96 19.46 -14.74
CA SER B 123 26.99 20.12 -15.55
C SER B 123 28.35 19.94 -14.88
N GLY B 124 28.40 20.21 -13.58
CA GLY B 124 29.60 20.06 -12.75
C GLY B 124 30.16 18.65 -12.80
N HIS B 125 29.27 17.65 -12.70
CA HIS B 125 29.58 16.21 -12.76
C HIS B 125 30.06 15.85 -14.18
N ALA B 126 29.47 16.48 -15.21
CA ALA B 126 29.82 16.24 -16.62
C ALA B 126 31.23 16.74 -17.00
N ARG B 127 31.70 17.83 -16.36
CA ARG B 127 33.03 18.44 -16.62
C ARG B 127 34.19 17.46 -16.49
N HIS B 128 34.31 16.83 -15.31
C HIS B 128 34.64 13.87 -16.08
N CYS B 129 33.40 13.60 -15.63
CA CYS B 129 32.63 12.46 -16.13
C CYS B 129 31.79 12.85 -17.35
N PRO B 130 32.32 12.79 -18.60
CA PRO B 130 31.49 13.17 -19.75
C PRO B 130 30.45 12.12 -20.15
N ASP B 131 30.74 10.83 -19.89
CA ASP B 131 29.90 9.67 -20.24
C ASP B 131 28.88 9.31 -19.12
N LEU B 132 28.42 10.33 -18.37
CA LEU B 132 27.46 10.16 -17.27
C LEU B 132 26.04 9.88 -17.78
N CYS B 133 25.31 9.00 -17.07
CA CYS B 133 23.91 8.70 -17.37
C CYS B 133 23.05 9.21 -16.22
N VAL B 134 21.81 9.62 -16.53
CA VAL B 134 20.94 10.22 -15.53
C VAL B 134 19.77 9.27 -15.23
N VAL B 135 19.41 9.17 -13.93
CA VAL B 135 18.22 8.48 -13.46
C VAL B 135 17.45 9.59 -12.78
N TRP B 136 16.40 10.07 -13.46
CA TRP B 136 15.59 11.18 -12.96
C TRP B 136 14.37 10.57 -12.30
N VAL B 137 14.24 10.73 -10.97
CA VAL B 137 13.15 10.21 -10.18
C VAL B 137 12.32 11.40 -9.69
N ASP B 138 11.10 11.59 -10.27
CA ASP B 138 10.26 12.77 -10.01
C ASP B 138 8.82 12.46 -10.42
N ALA B 139 7.87 13.19 -9.85
CA ALA B 139 6.47 13.14 -10.30
C ALA B 139 6.40 13.87 -11.66
N HIS B 140 7.41 14.74 -11.96
CA HIS B 140 7.48 15.63 -13.14
C HIS B 140 8.66 15.36 -14.09
N ALA B 141 8.47 15.62 -15.39
CA ALA B 141 9.49 15.39 -16.41
C ALA B 141 10.54 16.51 -16.44
N ASP B 142 10.23 17.66 -15.80
CA ASP B 142 11.11 18.84 -15.66
C ASP B 142 11.85 19.20 -16.97
N ILE B 143 11.22 18.89 -18.12
CA ILE B 143 11.75 19.06 -19.46
C ILE B 143 10.89 20.08 -20.23
N THR B 148 8.47 26.44 -24.10
CA THR B 148 7.24 25.65 -23.96
C THR B 148 6.60 25.80 -22.57
N THR B 149 7.39 26.24 -21.58
CA THR B 149 6.97 26.43 -20.18
C THR B 149 5.80 27.42 -20.03
N SER B 150 4.99 27.23 -18.97
CA SER B 150 3.82 28.06 -18.65
C SER B 150 3.99 28.68 -17.28
N HIS B 155 11.87 25.54 -11.54
CA HIS B 155 12.31 24.17 -11.28
C HIS B 155 11.76 23.13 -12.26
N GLY B 156 10.92 23.59 -13.21
CA GLY B 156 10.27 22.73 -14.20
C GLY B 156 10.88 22.63 -15.58
N GLN B 157 12.11 23.17 -15.79
CA GLN B 157 12.79 23.13 -17.10
C GLN B 157 14.29 22.68 -17.07
N PRO B 158 14.88 22.13 -15.97
CA PRO B 158 16.32 21.79 -16.01
C PRO B 158 16.82 20.87 -17.12
N VAL B 159 16.03 19.87 -17.55
CA VAL B 159 16.46 18.88 -18.56
C VAL B 159 16.56 19.47 -19.99
N SER B 160 15.88 20.61 -20.26
CA SER B 160 15.91 21.24 -21.58
C SER B 160 17.30 21.82 -21.87
N PHE B 161 17.90 22.49 -20.86
CA PHE B 161 19.23 23.10 -20.90
C PHE B 161 20.38 22.07 -21.02
N LEU B 162 20.17 20.83 -20.53
CA LEU B 162 21.17 19.74 -20.51
C LEU B 162 21.10 18.79 -21.71
N LEU B 163 19.92 18.60 -22.31
CA LEU B 163 19.79 17.68 -23.43
C LEU B 163 20.34 18.25 -24.74
N ARG B 164 21.12 17.41 -25.46
CA ARG B 164 21.79 17.75 -26.72
C ARG B 164 20.84 18.06 -27.87
N GLU B 165 19.84 17.19 -28.10
CA GLU B 165 18.86 17.32 -29.18
C GLU B 165 17.95 18.55 -29.04
N LEU B 166 17.77 19.06 -27.79
CA LEU B 166 16.95 20.23 -27.49
C LEU B 166 17.71 21.58 -27.55
N GLN B 167 18.99 21.59 -27.97
CA GLN B 167 19.82 22.80 -28.06
C GLN B 167 19.28 23.78 -29.11
N ASP B 168 18.81 23.25 -30.27
CA ASP B 168 18.23 24.04 -31.37
C ASP B 168 16.76 24.43 -31.09
N LYS B 169 16.30 24.27 -29.82
CA LYS B 169 14.95 24.58 -29.35
C LYS B 169 14.96 25.44 -28.08
N VAL B 170 16.15 25.61 -27.46
CA VAL B 170 16.32 26.39 -26.22
C VAL B 170 17.01 27.75 -26.51
N PRO B 171 16.42 28.90 -26.06
CA PRO B 171 17.04 30.21 -26.29
C PRO B 171 18.17 30.55 -25.30
N GLN B 172 19.08 31.46 -25.73
CA GLN B 172 20.22 31.92 -24.93
C GLN B 172 19.74 32.86 -23.80
N LEU B 173 19.55 32.29 -22.61
CA LEU B 173 19.07 32.99 -21.41
C LEU B 173 20.17 33.84 -20.75
N PRO B 174 19.83 34.89 -19.95
CA PRO B 174 20.90 35.68 -19.29
C PRO B 174 21.58 34.90 -18.17
N GLY B 175 22.89 34.70 -18.32
CA GLY B 175 23.72 33.94 -17.37
C GLY B 175 23.54 32.45 -17.51
N PHE B 176 23.42 31.98 -18.77
CA PHE B 176 23.23 30.57 -19.14
C PHE B 176 24.14 30.17 -20.32
N SER B 177 25.04 31.09 -20.74
CA SER B 177 25.99 30.90 -21.84
C SER B 177 27.09 29.88 -21.49
N TRP B 178 27.46 29.79 -20.20
CA TRP B 178 28.47 28.86 -19.66
C TRP B 178 28.04 27.39 -19.77
N ILE B 179 26.73 27.12 -19.95
CA ILE B 179 26.15 25.79 -20.07
C ILE B 179 26.26 25.24 -21.49
N LYS B 180 26.70 23.99 -21.60
CA LYS B 180 26.84 23.23 -22.85
C LYS B 180 26.06 21.92 -22.63
N PRO B 181 25.29 21.41 -23.63
CA PRO B 181 24.59 20.13 -23.42
C PRO B 181 25.56 18.95 -23.34
N CYS B 182 25.35 18.08 -22.35
CA CYS B 182 26.22 16.94 -22.04
C CYS B 182 25.56 15.57 -22.21
N ILE B 183 24.25 15.47 -21.94
CA ILE B 183 23.53 14.19 -22.03
C ILE B 183 22.71 14.07 -23.30
N SER B 184 22.82 12.90 -23.95
CA SER B 184 22.06 12.54 -25.15
C SER B 184 20.74 11.87 -24.70
N SER B 185 19.77 11.73 -25.64
CA SER B 185 18.45 11.13 -25.42
C SER B 185 18.47 9.75 -24.78
N ALA B 186 19.37 8.86 -25.24
CA ALA B 186 19.53 7.49 -24.76
C ALA B 186 20.39 7.37 -23.46
N SER B 187 20.54 8.47 -22.70
CA SER B 187 21.34 8.52 -21.47
C SER B 187 20.58 9.08 -20.25
N ILE B 188 19.28 9.37 -20.41
CA ILE B 188 18.41 9.80 -19.31
C ILE B 188 17.21 8.84 -19.27
N VAL B 189 16.90 8.29 -18.08
CA VAL B 189 15.74 7.41 -17.89
C VAL B 189 14.93 7.99 -16.75
N TYR B 190 13.65 8.23 -17.00
CA TYR B 190 12.77 8.79 -15.98
C TYR B 190 12.06 7.66 -15.27
N ILE B 191 11.80 7.84 -13.97
CA ILE B 191 11.04 6.89 -13.12
C ILE B 191 10.13 7.70 -12.20
N GLY B 192 8.84 7.36 -12.16
CA GLY B 192 7.90 7.99 -11.25
C GLY B 192 6.92 8.98 -11.86
N LEU B 193 7.05 9.23 -13.17
CA LEU B 193 6.23 10.22 -13.91
C LEU B 193 4.73 10.03 -13.75
N ARG B 194 4.03 11.10 -13.34
CA ARG B 194 2.58 11.09 -13.21
C ARG B 194 1.91 12.45 -13.57
N ASP B 195 2.68 13.55 -13.57
CA ASP B 195 2.21 14.89 -13.93
C ASP B 195 3.11 15.45 -15.04
N VAL B 196 2.82 15.08 -16.31
CA VAL B 196 3.56 15.45 -17.52
C VAL B 196 2.72 16.43 -18.38
N ASP B 197 3.30 17.60 -18.71
CA ASP B 197 2.64 18.62 -19.53
C ASP B 197 2.61 18.21 -21.02
N PRO B 198 1.58 18.63 -21.81
CA PRO B 198 1.55 18.23 -23.24
C PRO B 198 2.85 18.50 -24.02
N PRO B 199 3.52 19.68 -23.95
CA PRO B 199 4.80 19.82 -24.70
C PRO B 199 5.90 18.85 -24.24
N GLU B 200 5.91 18.49 -22.93
CA GLU B 200 6.86 17.53 -22.35
C GLU B 200 6.62 16.14 -22.94
N HIS B 201 5.33 15.70 -23.01
CA HIS B 201 4.94 14.41 -23.60
C HIS B 201 5.44 14.29 -25.04
N PHE B 202 5.31 15.39 -25.84
CA PHE B 202 5.78 15.42 -27.22
C PHE B 202 7.30 15.28 -27.28
N ILE B 203 8.02 16.00 -26.37
CA ILE B 203 9.48 15.93 -26.28
C ILE B 203 9.90 14.47 -26.01
N LEU B 204 9.35 13.86 -24.93
CA LEU B 204 9.65 12.48 -24.53
C LEU B 204 9.39 11.49 -25.66
N LYS B 205 8.21 11.59 -26.32
CA LYS B 205 7.79 10.70 -27.40
C LYS B 205 8.60 10.84 -28.71
N ASN B 206 8.81 12.07 -29.19
CA ASN B 206 9.53 12.29 -30.45
C ASN B 206 11.05 12.15 -30.34
N TYR B 207 11.65 12.51 -29.18
CA TYR B 207 13.10 12.38 -29.01
C TYR B 207 13.52 10.98 -28.51
N ASP B 208 12.56 10.02 -28.46
CA ASP B 208 12.72 8.61 -28.06
C ASP B 208 13.31 8.42 -26.64
N ILE B 209 13.03 9.38 -25.72
CA ILE B 209 13.49 9.34 -24.32
C ILE B 209 12.68 8.26 -23.56
N GLN B 210 13.35 7.13 -23.25
CA GLN B 210 12.77 5.98 -22.54
C GLN B 210 12.37 6.36 -21.13
N TYR B 211 11.12 6.05 -20.73
CA TYR B 211 10.64 6.38 -19.40
C TYR B 211 9.77 5.28 -18.80
N PHE B 212 9.66 5.30 -17.47
CA PHE B 212 8.83 4.37 -16.72
C PHE B 212 7.94 5.22 -15.84
N SER B 213 6.73 5.55 -16.33
CA SER B 213 5.76 6.33 -15.57
C SER B 213 5.19 5.45 -14.41
N MET B 214 4.33 6.04 -13.53
CA MET B 214 3.63 5.33 -12.45
C MET B 214 2.80 4.20 -13.01
N ARG B 215 2.21 4.39 -14.21
CA ARG B 215 1.46 3.37 -14.93
C ARG B 215 2.36 2.21 -15.34
N ASP B 216 3.60 2.51 -15.79
CA ASP B 216 4.57 1.46 -16.14
C ASP B 216 5.00 0.66 -14.90
N ILE B 217 5.13 1.32 -13.73
CA ILE B 217 5.53 0.64 -12.48
C ILE B 217 4.35 -0.28 -12.05
N ASP B 218 3.12 0.21 -12.25
CA ASP B 218 1.87 -0.53 -11.95
C ASP B 218 1.80 -1.85 -12.69
N ARG B 219 2.27 -1.84 -13.95
CA ARG B 219 2.28 -3.01 -14.82
C ARG B 219 3.43 -3.97 -14.57
N LEU B 220 4.67 -3.42 -14.59
CA LEU B 220 5.90 -4.20 -14.50
C LEU B 220 6.36 -4.57 -13.11
N GLY B 221 6.14 -3.67 -12.17
CA GLY B 221 6.66 -3.81 -10.82
C GLY B 221 8.03 -3.14 -10.79
N ILE B 222 8.40 -2.58 -9.64
CA ILE B 222 9.67 -1.84 -9.51
C ILE B 222 10.92 -2.70 -9.85
N GLN B 223 10.89 -4.04 -9.60
CA GLN B 223 12.00 -4.93 -9.93
C GLN B 223 12.31 -4.92 -11.43
N LYS B 224 11.29 -5.19 -12.27
CA LYS B 224 11.40 -5.20 -13.72
C LYS B 224 11.83 -3.84 -14.29
N VAL B 225 11.34 -2.76 -13.69
CA VAL B 225 11.65 -1.37 -14.05
C VAL B 225 13.14 -1.08 -13.84
N MET B 226 13.73 -1.51 -12.70
CA MET B 226 15.17 -1.36 -12.48
C MET B 226 15.97 -2.25 -13.42
N GLU B 227 15.51 -3.49 -13.66
CA GLU B 227 16.20 -4.43 -14.56
C GLU B 227 16.25 -3.86 -15.97
N ARG B 228 15.14 -3.27 -16.43
CA ARG B 228 15.03 -2.68 -17.77
C ARG B 228 15.80 -1.36 -17.89
N THR B 229 15.74 -0.50 -16.85
CA THR B 229 16.47 0.78 -16.76
C THR B 229 17.98 0.54 -16.93
N PHE B 230 18.55 -0.45 -16.20
CA PHE B 230 19.97 -0.77 -16.29
C PHE B 230 20.31 -1.45 -17.62
N ASP B 231 19.37 -2.24 -18.20
CA ASP B 231 19.53 -2.88 -19.51
C ASP B 231 19.75 -1.77 -20.57
N LEU B 232 18.98 -0.66 -20.45
CA LEU B 232 19.04 0.48 -21.35
C LEU B 232 20.32 1.32 -21.18
N LEU B 233 20.61 1.74 -19.94
CA LEU B 233 21.71 2.64 -19.60
C LEU B 233 23.10 2.01 -19.47
N ILE B 234 23.22 0.79 -18.91
CA ILE B 234 24.53 0.16 -18.67
C ILE B 234 24.64 -1.27 -19.25
N GLY B 235 23.73 -1.64 -20.15
CA GLY B 235 23.77 -2.93 -20.83
C GLY B 235 24.87 -3.00 -21.86
N LYS B 236 25.21 -1.84 -22.45
CA LYS B 236 26.27 -1.68 -23.45
C LYS B 236 27.64 -1.63 -22.75
N ARG B 237 27.78 -0.79 -21.68
CA ARG B 237 29.01 -0.55 -20.92
C ARG B 237 28.75 0.11 -19.55
N GLN B 238 29.74 0.04 -18.63
CA GLN B 238 29.67 0.65 -17.29
C GLN B 238 29.78 2.17 -17.44
N ARG B 239 28.99 2.96 -16.67
CA ARG B 239 29.00 4.42 -16.76
C ARG B 239 28.74 5.09 -15.40
N PRO B 240 29.36 6.25 -15.07
CA PRO B 240 29.02 6.94 -13.81
C PRO B 240 27.54 7.32 -13.81
N ILE B 241 26.82 6.99 -12.72
CA ILE B 241 25.39 7.24 -12.64
C ILE B 241 25.11 8.50 -11.86
N HIS B 242 24.25 9.35 -12.42
CA HIS B 242 23.79 10.56 -11.77
C HIS B 242 22.33 10.33 -11.34
N LEU B 243 22.09 10.21 -10.03
CA LEU B 243 20.73 10.02 -9.57
C LEU B 243 20.15 11.35 -9.11
N SER B 244 19.23 11.93 -9.91
CA SER B 244 18.59 13.17 -9.50
C SER B 244 17.25 12.82 -8.92
N PHE B 245 17.13 12.94 -7.59
CA PHE B 245 15.96 12.52 -6.85
C PHE B 245 15.14 13.64 -6.27
N ASP B 246 13.93 13.82 -6.83
CA ASP B 246 13.00 14.79 -6.29
C ASP B 246 12.17 14.07 -5.26
N ILE B 247 12.07 14.61 -4.04
CA ILE B 247 11.30 14.01 -2.96
C ILE B 247 9.79 13.86 -3.32
N ASP B 248 9.27 14.69 -4.27
CA ASP B 248 7.86 14.61 -4.69
C ASP B 248 7.54 13.40 -5.59
N ALA B 249 8.56 12.59 -5.98
CA ALA B 249 8.37 11.33 -6.73
C ALA B 249 7.60 10.34 -5.84
N PHE B 250 7.76 10.47 -4.52
CA PHE B 250 7.06 9.68 -3.51
C PHE B 250 5.66 10.23 -3.33
N ASP B 251 4.72 9.37 -2.92
CA ASP B 251 3.37 9.78 -2.62
C ASP B 251 3.37 10.87 -1.53
N PRO B 252 2.49 11.91 -1.67
CA PRO B 252 2.42 12.98 -0.66
C PRO B 252 2.10 12.55 0.76
N THR B 253 1.68 11.29 0.99
CA THR B 253 1.45 10.81 2.35
C THR B 253 2.82 10.61 3.03
N LEU B 254 3.84 10.24 2.23
CA LEU B 254 5.21 9.96 2.65
C LEU B 254 6.11 11.16 2.66
N ALA B 255 6.03 12.00 1.61
CA ALA B 255 6.82 13.22 1.49
C ALA B 255 5.87 14.42 1.43
N PRO B 256 5.16 14.79 2.55
CA PRO B 256 4.20 15.91 2.48
C PRO B 256 4.79 17.31 2.38
N ALA B 257 5.97 17.51 2.96
CA ALA B 257 6.64 18.81 2.94
C ALA B 257 7.46 18.99 1.64
N THR B 258 6.74 19.21 0.53
CA THR B 258 7.27 19.45 -0.82
C THR B 258 6.37 20.47 -1.54
N GLY B 259 6.92 21.15 -2.55
CA GLY B 259 6.25 22.22 -3.30
C GLY B 259 5.06 21.83 -4.14
N THR B 260 5.26 20.87 -5.04
CA THR B 260 4.23 20.38 -5.98
C THR B 260 3.87 18.92 -5.69
N PRO B 261 3.11 18.61 -4.61
CA PRO B 261 2.74 17.20 -4.38
C PRO B 261 1.69 16.67 -5.36
N VAL B 262 1.93 15.46 -5.93
CA VAL B 262 1.03 14.79 -6.88
C VAL B 262 0.67 13.41 -6.31
N VAL B 263 -0.63 13.16 -6.10
CA VAL B 263 -1.19 11.92 -5.56
C VAL B 263 -0.83 10.70 -6.44
N GLY B 264 -0.69 9.53 -5.81
CA GLY B 264 -0.37 8.27 -6.48
C GLY B 264 1.09 8.12 -6.85
N GLY B 265 1.97 8.40 -5.89
CA GLY B 265 3.40 8.30 -6.13
C GLY B 265 4.01 6.99 -5.68
N LEU B 266 5.36 6.97 -5.63
CA LEU B 266 6.14 5.82 -5.18
C LEU B 266 5.88 5.62 -3.71
N THR B 267 5.88 4.35 -3.29
CA THR B 267 5.76 3.98 -1.89
C THR B 267 7.17 4.11 -1.30
N TYR B 268 7.27 4.07 0.02
CA TYR B 268 8.58 4.09 0.71
C TYR B 268 9.44 2.94 0.17
N ARG B 269 8.83 1.75 0.06
CA ARG B 269 9.46 0.52 -0.43
C ARG B 269 10.00 0.63 -1.83
N GLU B 270 9.23 1.23 -2.74
CA GLU B 270 9.67 1.38 -4.14
C GLU B 270 10.89 2.32 -4.26
N GLY B 271 10.86 3.43 -3.55
CA GLY B 271 11.94 4.42 -3.54
C GLY B 271 13.22 3.83 -2.96
N MET B 272 13.09 3.05 -1.87
CA MET B 272 14.25 2.36 -1.28
C MET B 272 14.78 1.35 -2.27
N TYR B 273 13.88 0.62 -2.93
CA TYR B 273 14.29 -0.36 -3.92
C TYR B 273 15.12 0.29 -5.04
N ILE B 274 14.66 1.47 -5.53
CA ILE B 274 15.38 2.20 -6.59
C ILE B 274 16.81 2.47 -6.12
N ALA B 275 16.96 3.13 -4.96
CA ALA B 275 18.24 3.51 -4.33
C ALA B 275 19.14 2.30 -4.06
N GLU B 276 18.57 1.16 -3.59
CA GLU B 276 19.33 -0.06 -3.32
C GLU B 276 19.89 -0.65 -4.59
N GLU B 277 19.09 -0.68 -5.66
CA GLU B 277 19.53 -1.25 -6.95
C GLU B 277 20.62 -0.38 -7.58
N ILE B 278 20.50 0.96 -7.43
CA ILE B 278 21.49 1.97 -7.86
C ILE B 278 22.80 1.65 -7.10
N HIS B 279 22.72 1.44 -5.76
CA HIS B 279 23.90 1.08 -4.95
C HIS B 279 24.53 -0.21 -5.46
N ASN B 280 23.69 -1.25 -5.71
CA ASN B 280 24.12 -2.57 -6.20
C ASN B 280 24.84 -2.58 -7.54
N THR B 281 24.76 -1.50 -8.32
CA THR B 281 25.52 -1.45 -9.58
C THR B 281 26.98 -1.14 -9.25
N GLY B 282 27.20 -0.37 -8.20
CA GLY B 282 28.51 0.11 -7.79
C GLY B 282 28.97 1.25 -8.68
N LEU B 283 28.00 2.01 -9.27
CA LEU B 283 28.31 3.11 -10.20
C LEU B 283 27.80 4.48 -9.78
N LEU B 284 27.07 4.61 -8.65
CA LEU B 284 26.61 5.93 -8.20
C LEU B 284 27.79 6.95 -8.07
N SER B 285 27.72 8.04 -8.85
CA SER B 285 28.77 9.07 -8.88
C SER B 285 28.32 10.41 -8.35
N ALA B 286 27.03 10.73 -8.49
CA ALA B 286 26.45 11.94 -7.96
C ALA B 286 24.97 11.77 -7.68
N LEU B 287 24.44 12.47 -6.67
CA LEU B 287 23.06 12.36 -6.27
C LEU B 287 22.49 13.68 -5.77
N ASP B 288 21.28 14.02 -6.23
CA ASP B 288 20.58 15.21 -5.76
C ASP B 288 19.37 14.81 -4.96
N LEU B 289 19.14 15.47 -3.83
CA LEU B 289 17.96 15.24 -3.01
C LEU B 289 17.34 16.61 -2.89
N VAL B 290 16.38 16.83 -3.77
CA VAL B 290 15.71 18.10 -3.95
C VAL B 290 14.25 18.11 -3.49
N GLU B 291 13.73 19.34 -3.37
CA GLU B 291 12.36 19.75 -3.11
C GLU B 291 11.83 19.46 -1.72
N VAL B 292 12.71 19.32 -0.72
CA VAL B 292 12.27 19.19 0.65
C VAL B 292 11.95 20.63 1.12
N ASN B 293 10.66 20.96 1.29
CA ASN B 293 10.25 22.29 1.74
C ASN B 293 9.64 22.19 3.14
N PRO B 294 10.46 22.42 4.20
CA PRO B 294 9.94 22.32 5.58
C PRO B 294 8.92 23.38 5.98
N GLN B 295 8.81 24.47 5.19
CA GLN B 295 7.83 25.53 5.44
C GLN B 295 6.42 25.17 4.94
N LEU B 296 6.29 24.02 4.25
CA LEU B 296 5.00 23.53 3.76
C LEU B 296 4.37 22.47 4.69
N ALA B 297 5.07 22.14 5.79
CA ALA B 297 4.61 21.18 6.78
C ALA B 297 3.50 21.77 7.64
N THR B 298 2.39 21.03 7.79
CA THR B 298 1.23 21.45 8.58
C THR B 298 1.30 20.93 10.02
N SER B 299 2.37 20.16 10.33
CA SER B 299 2.66 19.57 11.65
C SER B 299 4.13 19.20 11.73
N GLU B 300 4.63 18.93 12.96
CA GLU B 300 6.01 18.50 13.18
C GLU B 300 6.22 17.09 12.62
N GLU B 301 5.19 16.21 12.72
CA GLU B 301 5.25 14.86 12.16
C GLU B 301 5.42 14.91 10.64
N GLU B 302 4.73 15.84 9.95
CA GLU B 302 4.88 16.03 8.50
C GLU B 302 6.26 16.63 8.16
N ALA B 303 6.84 17.44 9.07
CA ALA B 303 8.17 18.05 8.88
C ALA B 303 9.28 16.99 9.03
N LYS B 304 9.26 16.27 10.17
CA LYS B 304 10.23 15.23 10.49
C LYS B 304 10.19 14.03 9.53
N THR B 305 8.97 13.56 9.14
CA THR B 305 8.79 12.41 8.23
C THR B 305 9.45 12.64 6.85
N THR B 306 9.29 13.86 6.29
CA THR B 306 9.85 14.24 4.97
C THR B 306 11.38 14.29 5.01
N ALA B 307 11.95 14.83 6.11
CA ALA B 307 13.40 14.91 6.27
C ALA B 307 13.99 13.51 6.49
N ASN B 308 13.33 12.68 7.33
CA ASN B 308 13.75 11.30 7.62
C ASN B 308 13.77 10.47 6.34
N LEU B 309 12.76 10.67 5.45
CA LEU B 309 12.67 10.01 4.17
C LEU B 309 13.83 10.38 3.27
N ALA B 310 14.20 11.66 3.24
CA ALA B 310 15.31 12.16 2.42
C ALA B 310 16.64 11.54 2.91
N VAL B 311 16.81 11.41 4.23
CA VAL B 311 18.01 10.75 4.79
C VAL B 311 18.02 9.27 4.33
N ASP B 312 16.85 8.58 4.42
CA ASP B 312 16.73 7.18 3.99
C ASP B 312 17.12 6.93 2.55
N VAL B 313 16.70 7.81 1.61
CA VAL B 313 17.06 7.68 0.18
C VAL B 313 18.58 7.74 0.00
N ILE B 314 19.22 8.73 0.62
CA ILE B 314 20.67 8.94 0.49
C ILE B 314 21.44 7.75 1.11
N ALA B 315 21.06 7.37 2.33
CA ALA B 315 21.70 6.23 2.99
C ALA B 315 21.56 4.96 2.17
N SER B 316 20.35 4.68 1.60
CA SER B 316 20.18 3.49 0.76
C SER B 316 20.97 3.54 -0.53
N SER B 317 21.28 4.77 -1.01
CA SER B 317 22.09 4.90 -2.22
C SER B 317 23.57 4.54 -1.97
N PHE B 318 23.98 4.50 -0.70
CA PHE B 318 25.36 4.18 -0.30
C PHE B 318 25.49 2.93 0.60
N GLY B 319 24.54 2.00 0.47
CA GLY B 319 24.63 0.73 1.17
C GLY B 319 23.59 0.33 2.19
N GLN B 320 22.82 1.28 2.74
CA GLN B 320 21.80 0.93 3.73
C GLN B 320 20.74 0.03 3.08
N THR B 321 20.34 -1.04 3.76
CA THR B 321 19.31 -1.91 3.20
C THR B 321 18.34 -2.38 4.28
N ARG B 322 17.27 -3.02 3.84
CA ARG B 322 16.20 -3.56 4.68
C ARG B 322 16.72 -4.80 5.43
N GLU B 323 17.64 -5.55 4.82
CA GLU B 323 18.21 -6.77 5.40
C GLU B 323 19.37 -6.55 6.36
N GLY B 324 19.97 -5.36 6.31
CA GLY B 324 21.19 -5.07 7.05
C GLY B 324 22.28 -5.66 6.19
N GLY B 325 23.32 -6.18 6.79
CA GLY B 325 24.37 -6.79 5.97
C GLY B 325 25.39 -5.78 5.46
N HIS B 326 25.07 -4.46 5.48
CA HIS B 326 26.00 -3.38 5.09
C HIS B 326 27.17 -3.32 6.09
N ILE B 327 26.87 -3.48 7.38
CA ILE B 327 27.88 -3.56 8.43
C ILE B 327 28.21 -5.06 8.56
N VAL B 328 29.51 -5.40 8.47
CA VAL B 328 29.99 -6.77 8.51
C VAL B 328 30.39 -7.20 9.95
N TYR B 329 29.64 -8.17 10.50
CA TYR B 329 29.89 -8.73 11.83
C TYR B 329 30.83 -9.92 11.65
N ASP B 330 31.97 -9.93 12.38
CA ASP B 330 33.02 -10.94 12.30
C ASP B 330 32.66 -12.33 12.89
N GLN B 331 32.38 -12.39 14.22
CA GLN B 331 32.07 -13.61 14.97
C GLN B 331 31.19 -13.30 16.17
N LEU B 332 30.39 -14.27 16.62
CA LEU B 332 29.55 -14.10 17.82
C LEU B 332 30.41 -14.26 19.09
N PRO B 333 30.17 -13.44 20.14
CA PRO B 333 30.89 -13.67 21.41
C PRO B 333 30.43 -15.00 22.03
N THR B 334 31.32 -15.67 22.78
CA THR B 334 31.00 -16.95 23.42
C THR B 334 30.87 -16.73 24.94
N PRO B 335 29.97 -17.46 25.66
CA PRO B 335 29.79 -17.21 27.11
C PRO B 335 31.02 -17.50 27.97
N VAL C 18 -14.52 -26.94 11.40
CA VAL C 18 -14.69 -26.34 12.73
C VAL C 18 -13.34 -26.38 13.47
N HIS C 19 -12.74 -25.20 13.69
CA HIS C 19 -11.48 -25.09 14.43
C HIS C 19 -11.75 -24.89 15.91
N SER C 20 -11.02 -25.59 16.76
CA SER C 20 -11.09 -25.40 18.22
C SER C 20 -9.95 -24.44 18.55
N VAL C 21 -10.28 -23.27 19.10
CA VAL C 21 -9.29 -22.22 19.34
C VAL C 21 -9.32 -21.84 20.81
N ALA C 22 -8.15 -21.84 21.47
CA ALA C 22 -7.98 -21.38 22.86
C ALA C 22 -7.31 -20.02 22.82
N VAL C 23 -7.80 -19.09 23.63
CA VAL C 23 -7.22 -17.76 23.65
C VAL C 23 -6.58 -17.60 25.01
N ILE C 24 -5.33 -17.15 25.05
CA ILE C 24 -4.60 -16.95 26.30
C ILE C 24 -4.10 -15.54 26.31
N GLY C 25 -4.45 -14.78 27.36
CA GLY C 25 -3.91 -13.43 27.49
C GLY C 25 -2.59 -13.48 28.25
N ALA C 26 -1.51 -12.92 27.67
CA ALA C 26 -0.19 -12.90 28.31
C ALA C 26 0.24 -11.43 28.46
N PRO C 27 -0.28 -10.75 29.52
CA PRO C 27 0.05 -9.33 29.73
C PRO C 27 1.49 -9.09 30.22
N PHE C 28 2.46 -9.53 29.41
CA PHE C 28 3.92 -9.53 29.55
C PHE C 28 4.43 -8.15 29.12
N SER C 29 5.19 -7.42 29.96
CA SER C 29 5.79 -6.16 29.51
C SER C 29 7.28 -6.06 29.83
N GLN C 30 7.77 -6.93 30.71
CA GLN C 30 9.16 -6.89 31.18
C GLN C 30 10.22 -7.36 30.14
N GLY C 31 9.79 -7.77 28.94
CA GLY C 31 10.69 -8.12 27.86
C GLY C 31 11.20 -6.87 27.14
N GLN C 32 10.64 -5.70 27.48
CA GLN C 32 11.04 -4.40 26.94
C GLN C 32 10.80 -3.29 28.00
N LYS C 33 10.99 -2.02 27.63
CA LYS C 33 10.93 -0.91 28.59
C LYS C 33 9.73 0.02 28.47
N ARG C 34 9.00 0.00 27.33
CA ARG C 34 7.83 0.85 27.13
C ARG C 34 6.59 0.23 27.80
N LYS C 35 5.99 0.95 28.76
CA LYS C 35 4.79 0.46 29.45
C LYS C 35 3.53 0.59 28.58
N GLY C 36 2.57 -0.31 28.80
CA GLY C 36 1.30 -0.34 28.09
C GLY C 36 1.02 -1.58 27.26
N VAL C 37 2.08 -2.31 26.84
CA VAL C 37 1.97 -3.55 26.05
C VAL C 37 1.23 -4.65 26.86
N GLU C 38 1.21 -4.53 28.21
CA GLU C 38 0.47 -5.44 29.07
C GLU C 38 -1.03 -5.31 28.84
N HIS C 39 -1.48 -4.18 28.22
CA HIS C 39 -2.89 -3.91 27.91
C HIS C 39 -3.30 -4.37 26.50
N GLY C 40 -2.36 -4.94 25.75
CA GLY C 40 -2.66 -5.53 24.43
C GLY C 40 -3.76 -6.58 24.44
N PRO C 41 -3.74 -7.62 25.34
CA PRO C 41 -4.81 -8.63 25.32
C PRO C 41 -6.21 -8.04 25.49
N ALA C 42 -6.39 -7.13 26.47
CA ALA C 42 -7.69 -6.48 26.70
C ALA C 42 -8.12 -5.65 25.49
N ALA C 43 -7.20 -4.89 24.86
CA ALA C 43 -7.53 -4.09 23.66
C ALA C 43 -7.99 -4.97 22.50
N ILE C 44 -7.34 -6.15 22.34
CA ILE C 44 -7.71 -7.08 21.28
C ILE C 44 -9.10 -7.65 21.54
N ARG C 45 -9.36 -8.07 22.79
CA ARG C 45 -10.68 -8.60 23.14
C ARG C 45 -11.76 -7.50 22.98
N GLU C 46 -11.42 -6.23 23.32
CA GLU C 46 -12.34 -5.09 23.20
C GLU C 46 -12.67 -4.76 21.74
N ALA C 47 -11.77 -5.11 20.82
CA ALA C 47 -11.96 -4.88 19.39
C ALA C 47 -12.83 -5.97 18.75
N GLY C 48 -13.35 -6.87 19.58
CA GLY C 48 -14.29 -7.92 19.19
C GLY C 48 -13.72 -9.23 18.67
N LEU C 49 -12.55 -9.64 19.19
CA LEU C 49 -11.90 -10.91 18.83
C LEU C 49 -12.82 -12.13 18.97
N MET C 50 -13.44 -12.31 20.14
CA MET C 50 -14.24 -13.50 20.43
C MET C 50 -15.50 -13.60 19.55
N LYS C 51 -16.24 -12.49 19.40
CA LYS C 51 -17.41 -12.39 18.51
C LYS C 51 -17.00 -12.75 17.07
N ARG C 52 -15.84 -12.26 16.62
CA ARG C 52 -15.33 -12.54 15.28
C ARG C 52 -14.96 -14.02 15.08
N LEU C 53 -14.23 -14.63 16.03
CA LEU C 53 -13.91 -16.06 15.93
C LEU C 53 -15.17 -16.92 16.01
N SER C 54 -16.15 -16.52 16.84
CA SER C 54 -17.44 -17.23 16.99
C SER C 54 -18.23 -17.30 15.67
N SER C 55 -18.21 -16.18 14.90
CA SER C 55 -18.88 -16.02 13.62
C SER C 55 -18.25 -16.93 12.54
N LEU C 56 -16.97 -17.33 12.74
CA LEU C 56 -16.23 -18.23 11.85
C LEU C 56 -16.59 -19.69 12.14
N GLY C 57 -17.41 -19.91 13.17
CA GLY C 57 -17.81 -21.25 13.59
C GLY C 57 -16.84 -21.93 14.52
N CYS C 58 -15.85 -21.19 15.07
CA CYS C 58 -14.84 -21.75 15.98
C CYS C 58 -15.46 -22.21 17.31
N HIS C 59 -14.91 -23.28 17.86
CA HIS C 59 -15.25 -23.77 19.19
C HIS C 59 -14.22 -23.07 20.09
N LEU C 60 -14.67 -22.07 20.90
CA LEU C 60 -13.75 -21.25 21.69
C LEU C 60 -13.59 -21.60 23.14
N LYS C 61 -12.38 -21.33 23.65
CA LYS C 61 -12.04 -21.39 25.06
C LYS C 61 -11.14 -20.19 25.33
N ASP C 62 -11.53 -19.34 26.26
CA ASP C 62 -10.72 -18.21 26.64
C ASP C 62 -10.21 -18.51 28.04
N PHE C 63 -8.91 -18.49 28.23
CA PHE C 63 -8.30 -18.72 29.54
C PHE C 63 -8.29 -17.41 30.35
N GLY C 64 -8.63 -16.32 29.66
CA GLY C 64 -8.57 -14.98 30.22
C GLY C 64 -7.10 -14.59 30.24
N ASP C 65 -6.75 -13.57 31.05
CA ASP C 65 -5.37 -13.12 31.14
C ASP C 65 -4.66 -13.79 32.30
N LEU C 66 -3.49 -14.34 32.01
CA LEU C 66 -2.71 -15.03 33.04
C LEU C 66 -2.10 -14.06 34.04
N SER C 67 -2.12 -14.47 35.31
CA SER C 67 -1.51 -13.73 36.42
C SER C 67 -0.15 -14.40 36.66
N PHE C 68 0.91 -13.75 36.17
CA PHE C 68 2.25 -14.30 36.30
C PHE C 68 2.86 -14.00 37.64
N THR C 69 3.52 -15.01 38.24
CA THR C 69 4.18 -14.89 39.54
C THR C 69 5.26 -13.79 39.48
N PRO C 70 5.10 -12.70 40.28
CA PRO C 70 6.10 -11.62 40.23
C PRO C 70 7.41 -12.01 40.91
N VAL C 71 8.54 -11.44 40.42
CA VAL C 71 9.89 -11.66 40.96
C VAL C 71 10.43 -10.27 41.38
N PRO C 72 10.10 -9.78 42.60
CA PRO C 72 10.55 -8.45 43.03
C PRO C 72 12.07 -8.25 43.04
N LYS C 73 12.83 -9.24 43.54
CA LYS C 73 14.28 -9.20 43.56
C LYS C 73 14.78 -9.84 42.26
N ASP C 74 15.00 -8.98 41.24
CA ASP C 74 15.41 -9.40 39.91
C ASP C 74 16.33 -8.35 39.27
N ASP C 75 17.64 -8.47 39.55
CA ASP C 75 18.64 -7.54 39.03
C ASP C 75 19.15 -7.93 37.65
N LEU C 76 19.86 -6.99 37.00
CA LEU C 76 20.46 -7.13 35.67
C LEU C 76 21.42 -8.31 35.58
N TYR C 77 21.42 -9.02 34.43
CA TYR C 77 22.34 -10.11 34.16
C TYR C 77 23.47 -9.49 33.36
N ASN C 78 24.73 -9.68 33.81
CA ASN C 78 25.95 -9.11 33.18
C ASN C 78 25.82 -7.59 32.97
N ASN C 79 25.11 -6.91 33.90
CA ASN C 79 24.83 -5.47 33.94
C ASN C 79 24.27 -4.94 32.60
N LEU C 80 23.32 -5.69 31.99
CA LEU C 80 22.72 -5.32 30.70
C LEU C 80 21.30 -5.89 30.53
N ILE C 81 21.14 -7.23 30.68
CA ILE C 81 19.86 -7.92 30.49
C ILE C 81 18.89 -7.55 31.60
N VAL C 82 17.80 -6.87 31.25
CA VAL C 82 16.81 -6.40 32.23
C VAL C 82 15.65 -7.42 32.40
N ASN C 83 15.22 -7.60 33.68
CA ASN C 83 14.17 -8.50 34.17
C ASN C 83 14.34 -9.97 33.75
N PRO C 84 15.53 -10.60 33.83
CA PRO C 84 15.65 -12.00 33.38
C PRO C 84 14.79 -13.00 34.15
N ARG C 85 14.80 -12.94 35.50
CA ARG C 85 14.00 -13.87 36.28
C ARG C 85 12.51 -13.73 36.03
N SER C 86 12.01 -12.49 35.94
CA SER C 86 10.59 -12.16 35.69
C SER C 86 10.14 -12.70 34.33
N VAL C 87 10.90 -12.44 33.27
CA VAL C 87 10.62 -12.90 31.90
C VAL C 87 10.73 -14.42 31.83
N GLY C 88 11.82 -14.98 32.38
CA GLY C 88 12.02 -16.42 32.38
C GLY C 88 10.92 -17.18 33.08
N LEU C 89 10.51 -16.71 34.30
CA LEU C 89 9.47 -17.34 35.12
C LEU C 89 8.08 -17.28 34.48
N ALA C 90 7.69 -16.09 33.98
CA ALA C 90 6.40 -15.90 33.33
C ALA C 90 6.30 -16.79 32.08
N ASN C 91 7.41 -16.95 31.34
CA ASN C 91 7.45 -17.81 30.15
C ASN C 91 7.32 -19.26 30.53
N GLN C 92 7.93 -19.67 31.68
CA GLN C 92 7.86 -21.03 32.22
C GLN C 92 6.40 -21.40 32.51
N GLU C 93 5.67 -20.47 33.14
CA GLU C 93 4.26 -20.63 33.48
C GLU C 93 3.38 -20.65 32.21
N LEU C 94 3.66 -19.73 31.26
CA LEU C 94 2.90 -19.66 30.01
C LEU C 94 3.08 -20.94 29.20
N ALA C 95 4.29 -21.51 29.20
CA ALA C 95 4.58 -22.75 28.45
C ALA C 95 3.69 -23.90 28.96
N GLU C 96 3.42 -23.94 30.28
CA GLU C 96 2.54 -24.97 30.87
C GLU C 96 1.10 -24.82 30.37
N VAL C 97 0.59 -23.58 30.27
CA VAL C 97 -0.78 -23.30 29.81
C VAL C 97 -0.93 -23.67 28.32
N VAL C 98 0.04 -23.23 27.48
CA VAL C 98 0.06 -23.50 26.03
C VAL C 98 0.13 -25.04 25.80
N SER C 99 1.01 -25.73 26.52
CA SER C 99 1.17 -27.19 26.41
C SER C 99 -0.17 -27.89 26.72
N ARG C 100 -0.87 -27.44 27.78
CA ARG C 100 -2.15 -28.02 28.18
C ARG C 100 -3.23 -27.80 27.10
N ALA C 101 -3.36 -26.55 26.59
CA ALA C 101 -4.32 -26.22 25.54
C ALA C 101 -4.03 -27.06 24.28
N VAL C 102 -2.75 -27.20 23.91
CA VAL C 102 -2.32 -28.00 22.72
C VAL C 102 -2.67 -29.47 22.94
N SER C 103 -2.41 -29.99 24.15
CA SER C 103 -2.76 -31.36 24.54
C SER C 103 -4.28 -31.61 24.43
N ASP C 104 -5.10 -30.62 24.84
CA ASP C 104 -6.57 -30.71 24.79
C ASP C 104 -7.19 -30.53 23.40
N GLY C 105 -6.35 -30.50 22.36
CA GLY C 105 -6.76 -30.37 20.97
C GLY C 105 -7.03 -28.97 20.47
N TYR C 106 -6.70 -27.92 21.26
CA TYR C 106 -6.93 -26.54 20.83
C TYR C 106 -5.76 -25.93 20.05
N SER C 107 -6.08 -25.10 19.03
CA SER C 107 -5.12 -24.25 18.32
C SER C 107 -4.96 -23.12 19.33
N CYS C 108 -3.74 -22.85 19.76
CA CYS C 108 -3.53 -21.92 20.87
C CYS C 108 -3.13 -20.51 20.42
N VAL C 109 -4.02 -19.51 20.64
CA VAL C 109 -3.81 -18.09 20.32
C VAL C 109 -3.33 -17.39 21.59
N THR C 110 -2.10 -16.89 21.57
CA THR C 110 -1.60 -16.12 22.72
C THR C 110 -1.55 -14.67 22.34
N LEU C 111 -2.20 -13.81 23.14
CA LEU C 111 -2.25 -12.38 22.93
C LEU C 111 -1.21 -11.72 23.82
N GLY C 112 -0.34 -10.93 23.20
CA GLY C 112 0.71 -10.18 23.88
C GLY C 112 0.30 -8.77 24.27
N GLY C 113 1.10 -8.07 25.08
CA GLY C 113 2.37 -8.55 25.61
C GLY C 113 3.52 -8.41 24.62
N ASP C 114 4.74 -8.29 25.12
CA ASP C 114 5.89 -8.14 24.22
C ASP C 114 6.30 -9.50 23.61
N HIS C 115 7.16 -9.48 22.59
CA HIS C 115 7.53 -10.71 21.85
C HIS C 115 8.41 -11.70 22.65
N SER C 116 8.87 -11.38 23.90
CA SER C 116 9.60 -12.36 24.70
C SER C 116 8.68 -13.55 25.08
N LEU C 117 7.33 -13.36 25.03
CA LEU C 117 6.36 -14.42 25.30
C LEU C 117 6.48 -15.60 24.31
N ALA C 118 7.09 -15.39 23.14
CA ALA C 118 7.30 -16.49 22.18
C ALA C 118 8.22 -17.56 22.77
N ILE C 119 9.04 -17.21 23.78
CA ILE C 119 9.87 -18.23 24.43
C ILE C 119 8.93 -19.27 25.07
N GLY C 120 7.93 -18.83 25.83
CA GLY C 120 6.98 -19.73 26.45
C GLY C 120 6.01 -20.39 25.48
N THR C 121 5.50 -19.65 24.48
CA THR C 121 4.52 -20.28 23.61
C THR C 121 5.16 -21.33 22.72
N ILE C 122 6.33 -21.01 22.18
CA ILE C 122 7.01 -21.99 21.29
C ILE C 122 7.51 -23.20 22.11
N SER C 123 8.09 -22.96 23.32
CA SER C 123 8.51 -24.04 24.24
C SER C 123 7.36 -24.97 24.62
N GLY C 124 6.24 -24.37 25.00
CA GLY C 124 5.03 -25.09 25.39
C GLY C 124 4.47 -25.90 24.25
N HIS C 125 4.38 -25.28 23.07
CA HIS C 125 3.88 -25.92 21.86
C HIS C 125 4.77 -27.09 21.45
N ALA C 126 6.09 -26.91 21.49
CA ALA C 126 7.04 -27.95 21.10
C ALA C 126 7.03 -29.22 21.98
N ARG C 127 6.48 -29.13 23.21
CA ARG C 127 6.39 -30.29 24.11
C ARG C 127 5.55 -31.41 23.51
N HIS C 128 4.39 -31.08 22.92
CA HIS C 128 3.50 -32.06 22.30
C HIS C 128 3.64 -32.06 20.79
N CYS C 129 4.22 -30.99 20.21
CA CYS C 129 4.44 -30.85 18.75
C CYS C 129 5.95 -30.72 18.45
N PRO C 130 6.80 -31.73 18.73
CA PRO C 130 8.25 -31.55 18.45
C PRO C 130 8.61 -31.30 16.97
N ASP C 131 7.72 -31.66 16.05
CA ASP C 131 7.96 -31.45 14.61
C ASP C 131 7.39 -30.10 14.12
N LEU C 132 7.09 -29.18 15.05
CA LEU C 132 6.51 -27.91 14.61
C LEU C 132 7.48 -27.07 13.75
N CYS C 133 6.91 -26.18 12.96
CA CYS C 133 7.70 -25.21 12.24
C CYS C 133 7.15 -23.84 12.61
N VAL C 134 7.97 -22.82 12.46
CA VAL C 134 7.64 -21.46 12.88
C VAL C 134 7.67 -20.51 11.69
N VAL C 135 6.59 -19.74 11.53
CA VAL C 135 6.53 -18.64 10.55
C VAL C 135 6.57 -17.36 11.44
N TRP C 136 7.67 -16.63 11.41
CA TRP C 136 7.90 -15.47 12.27
C TRP C 136 7.69 -14.20 11.45
N VAL C 137 6.56 -13.50 11.68
CA VAL C 137 6.20 -12.30 10.89
C VAL C 137 6.51 -11.09 11.71
N ASP C 138 7.50 -10.28 11.27
CA ASP C 138 7.98 -9.20 12.12
C ASP C 138 8.89 -8.28 11.32
N ALA C 139 8.98 -7.03 11.74
CA ALA C 139 9.98 -6.10 11.14
C ALA C 139 11.40 -6.52 11.62
N HIS C 140 11.46 -7.20 12.77
CA HIS C 140 12.71 -7.59 13.47
C HIS C 140 12.95 -9.10 13.52
N ALA C 141 14.23 -9.53 13.56
CA ALA C 141 14.59 -10.94 13.65
C ALA C 141 14.49 -11.49 15.09
N ASP C 142 14.53 -10.60 16.12
CA ASP C 142 14.43 -10.98 17.54
C ASP C 142 15.37 -12.16 17.87
N ILE C 143 16.60 -12.12 17.31
CA ILE C 143 17.51 -13.25 17.42
C ILE C 143 18.87 -12.83 18.01
N ASN C 144 18.92 -11.69 18.72
CA ASN C 144 20.15 -11.31 19.39
C ASN C 144 20.35 -12.33 20.52
N THR C 145 21.58 -12.63 20.84
CA THR C 145 21.83 -13.54 21.96
C THR C 145 21.97 -12.61 23.18
N PRO C 146 21.94 -13.12 24.45
CA PRO C 146 22.17 -12.21 25.59
C PRO C 146 23.57 -11.54 25.56
N LEU C 147 24.46 -12.00 24.68
CA LEU C 147 25.80 -11.43 24.51
C LEU C 147 25.92 -10.43 23.34
N THR C 148 24.93 -10.39 22.41
CA THR C 148 24.97 -9.47 21.25
C THR C 148 24.02 -8.27 21.38
N THR C 149 23.00 -8.38 22.24
CA THR C 149 22.04 -7.31 22.46
C THR C 149 22.73 -6.02 22.93
N SER C 150 22.24 -4.89 22.42
CA SER C 150 22.72 -3.54 22.76
C SER C 150 21.74 -2.91 23.74
N SER C 151 20.45 -3.29 23.65
CA SER C 151 19.38 -2.77 24.51
C SER C 151 19.25 -3.54 25.82
N GLY C 152 19.50 -4.86 25.77
CA GLY C 152 19.32 -5.76 26.90
C GLY C 152 17.87 -6.17 27.08
N ASN C 153 17.00 -5.78 26.12
CA ASN C 153 15.57 -6.08 26.10
C ASN C 153 15.36 -7.50 25.58
N LEU C 154 14.73 -8.36 26.41
CA LEU C 154 14.54 -9.76 26.08
C LEU C 154 13.60 -9.98 24.88
N HIS C 155 12.75 -9.01 24.53
CA HIS C 155 11.87 -9.15 23.34
C HIS C 155 12.67 -9.16 22.03
N GLY C 156 13.93 -8.72 22.08
CA GLY C 156 14.80 -8.73 20.91
C GLY C 156 15.72 -9.92 20.83
N GLN C 157 15.54 -10.89 21.75
CA GLN C 157 16.37 -12.10 21.83
C GLN C 157 15.56 -13.46 21.87
N PRO C 158 14.21 -13.55 21.74
CA PRO C 158 13.54 -14.85 22.00
C PRO C 158 14.03 -16.03 21.17
N VAL C 159 14.29 -15.79 19.89
CA VAL C 159 14.68 -16.87 18.98
C VAL C 159 16.05 -17.48 19.38
N SER C 160 16.96 -16.69 20.01
CA SER C 160 18.27 -17.22 20.42
C SER C 160 18.16 -18.36 21.44
N PHE C 161 17.22 -18.26 22.40
CA PHE C 161 16.94 -19.29 23.42
C PHE C 161 16.30 -20.57 22.86
N LEU C 162 15.60 -20.46 21.70
CA LEU C 162 14.88 -21.55 21.07
C LEU C 162 15.65 -22.32 20.01
N LEU C 163 16.60 -21.66 19.35
CA LEU C 163 17.37 -22.25 18.23
C LEU C 163 18.42 -23.28 18.68
N ARG C 164 18.27 -24.55 18.24
CA ARG C 164 19.17 -25.65 18.60
C ARG C 164 20.63 -25.34 18.24
N GLU C 165 20.85 -24.84 17.03
CA GLU C 165 22.18 -24.52 16.50
C GLU C 165 22.89 -23.40 17.23
N LEU C 166 22.15 -22.53 17.95
CA LEU C 166 22.73 -21.40 18.70
C LEU C 166 23.04 -21.68 20.18
N GLN C 167 22.71 -22.88 20.69
CA GLN C 167 22.88 -23.25 22.10
C GLN C 167 24.28 -22.91 22.69
N ASP C 168 25.36 -23.22 21.97
CA ASP C 168 26.72 -22.95 22.48
C ASP C 168 27.08 -21.45 22.54
N LYS C 169 26.22 -20.59 21.93
CA LYS C 169 26.44 -19.14 21.93
C LYS C 169 25.58 -18.43 22.94
N VAL C 170 24.68 -19.16 23.61
CA VAL C 170 23.74 -18.56 24.57
C VAL C 170 24.10 -18.93 26.02
N PRO C 171 24.41 -17.92 26.88
CA PRO C 171 24.72 -18.24 28.28
C PRO C 171 23.45 -18.61 29.04
N GLN C 172 23.61 -19.36 30.15
CA GLN C 172 22.48 -19.72 31.00
C GLN C 172 22.14 -18.48 31.84
N LEU C 173 20.92 -17.96 31.69
CA LEU C 173 20.42 -16.77 32.41
C LEU C 173 19.57 -17.21 33.59
N PRO C 174 19.52 -16.45 34.71
CA PRO C 174 18.63 -16.84 35.82
C PRO C 174 17.16 -16.80 35.39
N GLY C 175 16.45 -17.88 35.66
CA GLY C 175 15.05 -18.03 35.31
C GLY C 175 14.83 -18.60 33.93
N PHE C 176 15.91 -18.90 33.20
CA PHE C 176 15.89 -19.38 31.81
C PHE C 176 16.42 -20.78 31.64
N SER C 177 16.87 -21.40 32.75
CA SER C 177 17.45 -22.73 32.75
C SER C 177 16.52 -23.86 32.27
N TRP C 178 15.21 -23.73 32.55
CA TRP C 178 14.16 -24.68 32.17
C TRP C 178 13.98 -24.85 30.65
N ILE C 179 14.40 -23.83 29.84
CA ILE C 179 14.25 -23.78 28.38
C ILE C 179 15.14 -24.80 27.72
N LYS C 180 14.54 -25.63 26.87
CA LYS C 180 15.25 -26.63 26.09
C LYS C 180 15.13 -26.15 24.63
N PRO C 181 16.24 -25.78 23.93
CA PRO C 181 16.10 -25.35 22.52
C PRO C 181 15.29 -26.38 21.74
N CYS C 182 14.30 -25.92 21.00
CA CYS C 182 13.31 -26.81 20.41
C CYS C 182 13.06 -26.60 18.91
N ILE C 183 13.75 -25.64 18.28
CA ILE C 183 13.57 -25.45 16.85
C ILE C 183 14.92 -25.46 16.17
N SER C 184 15.02 -26.07 14.98
CA SER C 184 16.24 -26.04 14.20
C SER C 184 16.14 -24.89 13.19
N SER C 185 17.30 -24.40 12.71
CA SER C 185 17.38 -23.31 11.75
C SER C 185 16.58 -23.54 10.45
N ALA C 186 16.41 -24.80 10.01
CA ALA C 186 15.63 -25.11 8.80
C ALA C 186 14.11 -25.10 9.04
N SER C 187 13.69 -25.00 10.32
CA SER C 187 12.29 -25.06 10.72
C SER C 187 11.66 -23.71 11.09
N ILE C 188 12.39 -22.62 10.88
CA ILE C 188 11.89 -21.25 11.09
C ILE C 188 12.08 -20.41 9.84
N VAL C 189 11.06 -19.66 9.44
CA VAL C 189 11.16 -18.75 8.28
C VAL C 189 10.64 -17.42 8.76
N TYR C 190 11.40 -16.35 8.47
CA TYR C 190 10.99 -14.99 8.78
C TYR C 190 10.33 -14.32 7.58
N ILE C 191 9.34 -13.47 7.84
CA ILE C 191 8.67 -12.67 6.79
C ILE C 191 8.51 -11.25 7.31
N GLY C 192 8.92 -10.26 6.49
CA GLY C 192 8.70 -8.85 6.82
C GLY C 192 9.90 -8.06 7.32
N LEU C 193 11.08 -8.71 7.45
CA LEU C 193 12.29 -8.10 8.01
C LEU C 193 12.69 -6.81 7.34
N ARG C 194 12.99 -5.78 8.15
CA ARG C 194 13.48 -4.49 7.67
C ARG C 194 14.35 -3.71 8.69
N ASP C 195 14.60 -4.26 9.89
CA ASP C 195 15.45 -3.58 10.89
C ASP C 195 16.20 -4.68 11.63
N VAL C 196 17.28 -5.17 11.00
CA VAL C 196 18.08 -6.31 11.45
C VAL C 196 19.44 -5.80 11.95
N ASP C 197 19.80 -6.13 13.20
CA ASP C 197 21.10 -5.72 13.76
C ASP C 197 22.24 -6.47 13.06
N PRO C 198 23.46 -5.90 12.96
CA PRO C 198 24.59 -6.64 12.35
C PRO C 198 24.82 -8.05 12.97
N PRO C 199 24.76 -8.30 14.31
CA PRO C 199 24.91 -9.69 14.79
C PRO C 199 23.77 -10.61 14.34
N GLU C 200 22.54 -10.05 14.20
CA GLU C 200 21.37 -10.81 13.75
C GLU C 200 21.52 -11.20 12.30
N HIS C 201 22.01 -10.25 11.44
CA HIS C 201 22.27 -10.55 10.03
C HIS C 201 23.30 -11.68 9.92
N PHE C 202 24.36 -11.62 10.73
CA PHE C 202 25.38 -12.68 10.74
C PHE C 202 24.77 -14.03 11.12
N ILE C 203 23.89 -14.07 12.16
CA ILE C 203 23.23 -15.31 12.59
C ILE C 203 22.37 -15.90 11.45
N LEU C 204 21.55 -15.07 10.78
CA LEU C 204 20.69 -15.54 9.69
C LEU C 204 21.49 -16.14 8.58
N LYS C 205 22.58 -15.48 8.16
CA LYS C 205 23.42 -16.03 7.08
C LYS C 205 24.26 -17.23 7.48
N ASN C 206 24.93 -17.16 8.62
CA ASN C 206 25.84 -18.22 9.06
C ASN C 206 25.14 -19.51 9.48
N TYR C 207 23.88 -19.43 9.95
CA TYR C 207 23.09 -20.61 10.36
C TYR C 207 22.06 -21.02 9.31
N ASP C 208 22.14 -20.40 8.11
CA ASP C 208 21.26 -20.61 6.97
C ASP C 208 19.75 -20.51 7.32
N ILE C 209 19.37 -19.49 8.10
CA ILE C 209 17.97 -19.29 8.45
C ILE C 209 17.33 -18.56 7.27
N GLN C 210 16.29 -19.17 6.67
CA GLN C 210 15.62 -18.54 5.54
C GLN C 210 14.76 -17.36 5.96
N TYR C 211 14.77 -16.28 5.17
CA TYR C 211 13.95 -15.11 5.48
C TYR C 211 13.51 -14.40 4.21
N PHE C 212 12.38 -13.69 4.28
CA PHE C 212 11.84 -12.89 3.17
C PHE C 212 11.69 -11.52 3.72
N SER C 213 12.72 -10.68 3.48
CA SER C 213 12.69 -9.31 4.00
C SER C 213 11.68 -8.49 3.17
N MET C 214 11.47 -7.21 3.54
CA MET C 214 10.59 -6.35 2.75
C MET C 214 11.07 -6.23 1.29
N ARG C 215 12.40 -6.30 1.08
CA ARG C 215 13.00 -6.24 -0.25
C ARG C 215 12.64 -7.50 -1.05
N ASP C 216 12.69 -8.69 -0.43
CA ASP C 216 12.25 -9.95 -1.08
C ASP C 216 10.75 -9.89 -1.43
N ILE C 217 9.92 -9.27 -0.57
CA ILE C 217 8.49 -9.16 -0.86
C ILE C 217 8.29 -8.21 -2.04
N ASP C 218 9.08 -7.11 -2.11
CA ASP C 218 9.02 -6.11 -3.18
C ASP C 218 9.32 -6.76 -4.53
N ARG C 219 10.27 -7.67 -4.54
CA ARG C 219 10.69 -8.39 -5.73
C ARG C 219 9.74 -9.55 -6.13
N LEU C 220 9.49 -10.47 -5.17
CA LEU C 220 8.69 -11.66 -5.45
C LEU C 220 7.20 -11.48 -5.43
N GLY C 221 6.71 -10.64 -4.52
CA GLY C 221 5.29 -10.49 -4.27
C GLY C 221 4.93 -11.45 -3.14
N ILE C 222 3.96 -11.08 -2.29
CA ILE C 222 3.60 -11.93 -1.14
C ILE C 222 3.10 -13.37 -1.52
N GLN C 223 2.47 -13.54 -2.70
CA GLN C 223 2.00 -14.87 -3.13
C GLN C 223 3.18 -15.81 -3.25
N LYS C 224 4.23 -15.38 -4.00
CA LYS C 224 5.44 -16.20 -4.17
C LYS C 224 6.18 -16.42 -2.83
N VAL C 225 6.22 -15.39 -1.99
CA VAL C 225 6.83 -15.48 -0.63
C VAL C 225 6.16 -16.63 0.16
N MET C 226 4.81 -16.69 0.18
CA MET C 226 4.08 -17.77 0.89
C MET C 226 4.33 -19.14 0.29
N GLU C 227 4.30 -19.23 -1.05
CA GLU C 227 4.62 -20.51 -1.73
C GLU C 227 6.00 -21.00 -1.32
N ARG C 228 7.02 -20.11 -1.35
CA ARG C 228 8.40 -20.46 -1.01
C ARG C 228 8.57 -20.80 0.45
N THR C 229 7.83 -20.10 1.34
CA THR C 229 7.84 -20.42 2.77
C THR C 229 7.34 -21.83 3.02
N PHE C 230 6.20 -22.19 2.42
CA PHE C 230 5.66 -23.53 2.59
C PHE C 230 6.54 -24.57 1.92
N ASP C 231 7.16 -24.26 0.78
CA ASP C 231 8.10 -25.23 0.16
C ASP C 231 9.22 -25.56 1.15
N LEU C 232 9.72 -24.55 1.89
CA LEU C 232 10.81 -24.76 2.83
C LEU C 232 10.37 -25.57 4.07
N LEU C 233 9.19 -25.29 4.60
CA LEU C 233 8.71 -25.85 5.84
C LEU C 233 7.89 -27.11 5.74
N ILE C 234 6.96 -27.16 4.79
CA ILE C 234 6.02 -28.27 4.63
C ILE C 234 6.11 -28.93 3.24
N GLY C 235 7.28 -28.79 2.60
CA GLY C 235 7.53 -29.38 1.28
C GLY C 235 7.69 -30.89 1.32
N LYS C 236 8.12 -31.42 2.47
CA LYS C 236 8.34 -32.87 2.67
C LYS C 236 7.18 -33.55 3.38
N ARG C 237 6.50 -32.84 4.31
CA ARG C 237 5.39 -33.42 5.05
C ARG C 237 4.59 -32.32 5.72
N GLN C 238 3.35 -32.64 6.10
CA GLN C 238 2.49 -31.73 6.90
C GLN C 238 3.11 -31.68 8.30
N ARG C 239 3.12 -30.49 8.94
CA ARG C 239 3.70 -30.31 10.26
C ARG C 239 2.85 -29.27 10.96
N PRO C 240 2.81 -29.28 12.30
CA PRO C 240 2.08 -28.20 13.01
C PRO C 240 2.76 -26.86 12.74
N ILE C 241 1.98 -25.81 12.45
CA ILE C 241 2.56 -24.52 12.20
C ILE C 241 2.33 -23.64 13.41
N HIS C 242 3.37 -22.93 13.81
CA HIS C 242 3.36 -21.92 14.86
C HIS C 242 3.57 -20.58 14.13
N LEU C 243 2.54 -19.73 14.15
CA LEU C 243 2.63 -18.42 13.51
C LEU C 243 2.92 -17.37 14.60
N SER C 244 4.13 -16.79 14.61
CA SER C 244 4.46 -15.78 15.65
C SER C 244 4.41 -14.43 14.97
N PHE C 245 3.34 -13.69 15.21
CA PHE C 245 3.06 -12.48 14.46
C PHE C 245 3.19 -11.21 15.30
N ASP C 246 4.21 -10.41 15.01
CA ASP C 246 4.44 -9.15 15.68
C ASP C 246 3.66 -8.08 14.90
N ILE C 247 2.76 -7.33 15.58
CA ILE C 247 1.97 -6.32 14.89
C ILE C 247 2.84 -5.27 14.15
N ASP C 248 4.11 -5.03 14.62
CA ASP C 248 5.03 -4.09 13.97
C ASP C 248 5.54 -4.60 12.60
N ALA C 249 5.12 -5.81 12.17
CA ALA C 249 5.47 -6.27 10.81
C ALA C 249 4.75 -5.32 9.79
N PHE C 250 3.53 -4.83 10.15
CA PHE C 250 2.76 -3.90 9.33
C PHE C 250 3.38 -2.53 9.37
N ASP C 251 3.16 -1.77 8.29
CA ASP C 251 3.64 -0.40 8.22
C ASP C 251 3.06 0.41 9.40
N PRO C 252 3.86 1.28 10.06
CA PRO C 252 3.35 2.08 11.20
C PRO C 252 2.07 2.87 10.96
N THR C 253 1.75 3.24 9.72
CA THR C 253 0.49 3.95 9.40
C THR C 253 -0.74 3.07 9.69
N LEU C 254 -0.58 1.73 9.59
CA LEU C 254 -1.63 0.73 9.81
C LEU C 254 -1.68 0.24 11.25
N ALA C 255 -0.50 0.10 11.88
CA ALA C 255 -0.33 -0.37 13.26
C ALA C 255 0.51 0.63 14.08
N PRO C 256 -0.03 1.84 14.38
CA PRO C 256 0.75 2.84 15.12
C PRO C 256 1.05 2.48 16.58
N ALA C 257 0.07 1.85 17.27
CA ALA C 257 0.15 1.51 18.69
C ALA C 257 1.06 0.30 18.96
N THR C 258 2.38 0.52 18.76
CA THR C 258 3.45 -0.47 18.92
C THR C 258 4.75 0.22 19.35
N GLY C 259 5.55 -0.49 20.13
CA GLY C 259 6.79 0.01 20.71
C GLY C 259 7.94 0.35 19.80
N THR C 260 8.20 -0.49 18.80
CA THR C 260 9.34 -0.29 17.89
C THR C 260 8.84 -0.19 16.44
N PRO C 261 8.12 0.90 16.05
CA PRO C 261 7.64 0.98 14.66
C PRO C 261 8.79 1.20 13.70
N VAL C 262 8.69 0.64 12.49
CA VAL C 262 9.69 0.80 11.44
C VAL C 262 8.92 1.03 10.12
N VAL C 263 9.19 2.15 9.44
CA VAL C 263 8.55 2.54 8.17
C VAL C 263 8.81 1.50 7.05
N GLY C 264 7.86 1.38 6.12
CA GLY C 264 8.00 0.51 4.95
C GLY C 264 7.66 -0.94 5.21
N GLY C 265 6.65 -1.17 6.03
CA GLY C 265 6.22 -2.53 6.37
C GLY C 265 5.15 -3.11 5.47
N LEU C 266 4.56 -4.20 5.95
CA LEU C 266 3.48 -4.87 5.22
C LEU C 266 2.29 -3.97 5.09
N THR C 267 1.62 -4.09 3.95
CA THR C 267 0.32 -3.45 3.77
C THR C 267 -0.72 -4.36 4.46
N TYR C 268 -1.94 -3.85 4.66
CA TYR C 268 -3.04 -4.60 5.23
C TYR C 268 -3.30 -5.84 4.36
N ARG C 269 -3.33 -5.64 3.03
CA ARG C 269 -3.56 -6.73 2.09
C ARG C 269 -2.50 -7.83 2.21
N GLU C 270 -1.23 -7.45 2.34
CA GLU C 270 -0.16 -8.46 2.48
C GLU C 270 -0.25 -9.26 3.78
N GLY C 271 -0.60 -8.59 4.87
CA GLY C 271 -0.76 -9.27 6.16
C GLY C 271 -1.93 -10.24 6.12
N MET C 272 -3.03 -9.83 5.50
CA MET C 272 -4.21 -10.71 5.34
C MET C 272 -3.86 -11.90 4.48
N TYR C 273 -3.07 -11.65 3.42
CA TYR C 273 -2.65 -12.72 2.53
C TYR C 273 -1.81 -13.84 3.27
N ILE C 274 -0.82 -13.43 4.09
CA ILE C 274 -0.03 -14.37 4.91
C ILE C 274 -0.99 -15.22 5.76
N ALA C 275 -1.86 -14.58 6.57
CA ALA C 275 -2.80 -15.28 7.43
C ALA C 275 -3.74 -16.22 6.64
N GLU C 276 -4.30 -15.76 5.50
CA GLU C 276 -5.18 -16.59 4.66
C GLU C 276 -4.40 -17.81 4.17
N GLU C 277 -3.15 -17.64 3.72
CA GLU C 277 -2.34 -18.80 3.26
C GLU C 277 -2.08 -19.79 4.39
N ILE C 278 -1.84 -19.27 5.63
CA ILE C 278 -1.60 -20.08 6.82
C ILE C 278 -2.90 -20.90 7.08
N HIS C 279 -4.07 -20.23 7.08
CA HIS C 279 -5.38 -20.88 7.25
C HIS C 279 -5.57 -21.98 6.21
N ASN C 280 -5.29 -21.67 4.94
CA ASN C 280 -5.49 -22.61 3.83
C ASN C 280 -4.72 -23.93 3.97
N THR C 281 -3.58 -23.95 4.70
CA THR C 281 -2.80 -25.19 4.93
C THR C 281 -3.60 -26.20 5.79
N GLY C 282 -4.42 -25.66 6.69
CA GLY C 282 -5.14 -26.45 7.69
C GLY C 282 -4.22 -26.94 8.79
N LEU C 283 -2.98 -26.38 8.88
CA LEU C 283 -1.98 -26.88 9.83
C LEU C 283 -1.69 -25.98 11.00
N LEU C 284 -2.36 -24.85 11.06
CA LEU C 284 -2.09 -23.88 12.14
C LEU C 284 -2.38 -24.54 13.50
N SER C 285 -1.39 -24.53 14.39
CA SER C 285 -1.48 -25.18 15.68
C SER C 285 -1.38 -24.17 16.86
N ALA C 286 -0.64 -23.09 16.66
CA ALA C 286 -0.51 -22.01 17.65
C ALA C 286 -0.23 -20.68 16.94
N LEU C 287 -0.69 -19.58 17.52
CA LEU C 287 -0.48 -18.29 16.92
C LEU C 287 -0.20 -17.30 18.03
N ASP C 288 0.84 -16.46 17.88
CA ASP C 288 1.08 -15.38 18.84
C ASP C 288 0.75 -14.09 18.13
N LEU C 289 0.05 -13.17 18.83
CA LEU C 289 -0.23 -11.85 18.26
C LEU C 289 0.29 -10.91 19.33
N VAL C 290 1.44 -10.31 19.06
CA VAL C 290 2.19 -9.56 20.05
C VAL C 290 2.47 -8.12 19.66
N GLU C 291 2.92 -7.34 20.68
CA GLU C 291 3.46 -5.99 20.61
C GLU C 291 2.41 -4.88 20.36
N VAL C 292 1.11 -5.17 20.58
CA VAL C 292 0.04 -4.18 20.53
C VAL C 292 0.15 -3.42 21.88
N ASN C 293 0.44 -2.12 21.84
CA ASN C 293 0.58 -1.30 23.04
C ASN C 293 -0.40 -0.12 22.88
N PRO C 294 -1.62 -0.21 23.45
CA PRO C 294 -2.61 0.87 23.25
C PRO C 294 -2.20 2.23 23.80
N GLN C 295 -1.34 2.23 24.82
CA GLN C 295 -0.82 3.44 25.46
C GLN C 295 0.06 4.29 24.54
N LEU C 296 0.71 3.66 23.54
CA LEU C 296 1.64 4.36 22.62
C LEU C 296 0.96 5.07 21.46
N ALA C 297 -0.37 4.90 21.36
CA ALA C 297 -1.18 5.55 20.35
C ALA C 297 -1.38 7.01 20.78
N THR C 298 -1.23 7.95 19.83
CA THR C 298 -1.39 9.39 20.08
C THR C 298 -2.88 9.75 20.27
N SER C 299 -3.78 8.86 19.83
CA SER C 299 -5.22 9.02 19.94
C SER C 299 -5.91 7.67 20.15
N GLU C 300 -7.10 7.68 20.76
CA GLU C 300 -7.92 6.48 21.02
C GLU C 300 -8.23 5.72 19.73
N GLU C 301 -8.42 6.46 18.61
CA GLU C 301 -8.70 5.90 17.30
C GLU C 301 -7.49 5.14 16.74
N GLU C 302 -6.23 5.62 17.00
CA GLU C 302 -4.99 4.94 16.60
C GLU C 302 -4.86 3.60 17.33
N ALA C 303 -5.26 3.56 18.61
CA ALA C 303 -5.22 2.36 19.46
C ALA C 303 -6.24 1.34 18.95
N LYS C 304 -7.47 1.81 18.63
CA LYS C 304 -8.55 0.98 18.08
C LYS C 304 -8.19 0.42 16.70
N THR C 305 -7.55 1.25 15.84
CA THR C 305 -7.09 0.87 14.51
C THR C 305 -6.13 -0.34 14.61
N THR C 306 -5.12 -0.24 15.50
CA THR C 306 -4.12 -1.29 15.72
C THR C 306 -4.79 -2.55 16.26
N ALA C 307 -5.71 -2.40 17.24
CA ALA C 307 -6.43 -3.52 17.83
C ALA C 307 -7.34 -4.20 16.81
N ASN C 308 -8.00 -3.42 15.92
CA ASN C 308 -8.87 -3.96 14.87
C ASN C 308 -8.02 -4.78 13.90
N LEU C 309 -6.81 -4.31 13.61
CA LEU C 309 -5.87 -4.98 12.71
C LEU C 309 -5.45 -6.32 13.30
N ALA C 310 -5.16 -6.36 14.60
CA ALA C 310 -4.79 -7.58 15.34
C ALA C 310 -5.94 -8.62 15.23
N VAL C 311 -7.20 -8.19 15.42
CA VAL C 311 -8.35 -9.10 15.28
C VAL C 311 -8.41 -9.65 13.85
N ASP C 312 -8.19 -8.79 12.85
CA ASP C 312 -8.22 -9.20 11.44
C ASP C 312 -7.17 -10.24 11.13
N VAL C 313 -5.95 -10.11 11.67
CA VAL C 313 -4.90 -11.14 11.47
C VAL C 313 -5.37 -12.45 12.12
N ILE C 314 -5.86 -12.39 13.36
CA ILE C 314 -6.26 -13.60 14.06
C ILE C 314 -7.41 -14.30 13.36
N ALA C 315 -8.49 -13.56 13.05
CA ALA C 315 -9.67 -14.08 12.35
C ALA C 315 -9.30 -14.65 10.98
N SER C 316 -8.41 -13.97 10.22
CA SER C 316 -7.97 -14.51 8.89
C SER C 316 -7.16 -15.78 9.02
N SER C 317 -6.47 -15.94 10.16
CA SER C 317 -5.68 -17.16 10.40
C SER C 317 -6.61 -18.35 10.67
N PHE C 318 -7.87 -18.09 11.00
CA PHE C 318 -8.86 -19.14 11.29
C PHE C 318 -10.04 -19.17 10.31
N GLY C 319 -9.89 -18.57 9.13
CA GLY C 319 -10.97 -18.68 8.15
C GLY C 319 -11.57 -17.43 7.56
N GLN C 320 -11.39 -16.26 8.21
CA GLN C 320 -11.92 -15.02 7.66
C GLN C 320 -11.29 -14.78 6.30
N THR C 321 -12.13 -14.55 5.28
CA THR C 321 -11.61 -14.30 3.94
C THR C 321 -12.13 -12.98 3.41
N ARG C 322 -11.63 -12.59 2.28
CA ARG C 322 -12.05 -11.37 1.62
C ARG C 322 -13.01 -11.72 0.48
N GLU C 323 -13.47 -12.96 0.47
CA GLU C 323 -14.39 -13.46 -0.55
C GLU C 323 -15.70 -13.97 0.03
N GLY C 324 -15.82 -13.95 1.36
CA GLY C 324 -16.99 -14.39 2.10
C GLY C 324 -17.23 -15.90 2.07
N GLY C 325 -16.15 -16.67 1.88
CA GLY C 325 -16.21 -18.13 1.80
C GLY C 325 -15.97 -18.89 3.09
N HIS C 326 -16.04 -18.22 4.25
CA HIS C 326 -15.81 -18.83 5.57
C HIS C 326 -16.91 -19.80 6.04
N ILE C 327 -18.18 -19.42 5.84
CA ILE C 327 -19.38 -20.14 6.26
C ILE C 327 -19.97 -20.97 5.12
N VAL C 328 -20.50 -22.15 5.45
CA VAL C 328 -21.17 -23.03 4.49
C VAL C 328 -22.52 -22.37 4.16
N TYR C 329 -22.81 -22.25 2.87
CA TYR C 329 -24.05 -21.71 2.34
C TYR C 329 -24.24 -22.47 1.06
N ASP C 330 -25.28 -23.27 0.98
CA ASP C 330 -25.43 -24.14 -0.18
C ASP C 330 -26.80 -24.16 -0.80
N GLN C 331 -27.72 -23.29 -0.35
CA GLN C 331 -29.04 -23.30 -0.99
C GLN C 331 -29.74 -21.97 -0.84
N LEU C 332 -30.14 -21.40 -1.98
CA LEU C 332 -30.82 -20.12 -1.98
C LEU C 332 -32.27 -20.24 -1.61
N PRO C 333 -32.78 -19.26 -0.81
CA PRO C 333 -34.22 -19.23 -0.54
C PRO C 333 -34.98 -18.86 -1.83
N THR C 334 -36.21 -19.38 -1.96
CA THR C 334 -37.03 -19.17 -3.15
C THR C 334 -38.38 -18.53 -2.80
N PRO C 335 -38.92 -17.67 -3.69
CA PRO C 335 -40.20 -16.97 -3.39
C PRO C 335 -41.45 -17.84 -3.46
#